data_8CBE
#
_entry.id   8CBE
#
_cell.length_a   179.861
_cell.length_b   147.022
_cell.length_c   52.197
_cell.angle_alpha   90.000
_cell.angle_beta   90.000
_cell.angle_gamma   90.000
#
_symmetry.space_group_name_H-M   'P 21 21 2'
#
loop_
_entity.id
_entity.type
_entity.pdbx_description
1 polymer 'BA.4/5-2 heavy chain'
2 polymer 'BA.4/5-2 light chain'
3 polymer 'Spike protein S1'
4 polymer 'Beta-49 light chain'
5 polymer 'Beta-49 heavy chain'
6 branched beta-D-mannopyranose-(1-4)-2-acetamido-2-deoxy-beta-D-glucopyranose-(1-4)-[alpha-L-fucopyranose-(1-6)]2-acetamido-2-deoxy-beta-D-glucopyranose
#
loop_
_entity_poly.entity_id
_entity_poly.type
_entity_poly.pdbx_seq_one_letter_code
_entity_poly.pdbx_strand_id
1 'polypeptide(L)'
;EVQLVESGGGVVQPGRSLRLSCAASGFTLRSFGIHWVRQAPGKGLEWVAFISYDGSNQYYEDSVKGRFTISRDNSKNTVD
LQMNSLSTEDTAVYWCAKDLLPLLALYYGMDVWGQGTTVTVSSASTKGPSVFPLAPSSKSTSGGTAALGCLVKDYFPEPV
TVSWNSGALTSGVHTFPAVLQSSGLYSLSSVVTVPSSSLGTQTYICNVNHKPSNTKVDKRVEPKSCDK
;
H
2 'polypeptide(L)'
;DIVMTQSPATLSLSPGERATLSCRASQSVSSYLAWYQQKPGQAPRLLIYEASNRATGIPARFSGSGSGTDFTLTISSLEP
EDFAAYYCQQRSNFPFIFGPGTKVEIKRTVAAPSVFIFPPSDEQLKSGTASVVCLLNNFYPREAKVQWKVDNALQSGNSQ
ESVTEQDSKDSTYSLSSTLTLSKADYEKHKVYACEVTHQGLSSPVTKSFNRGEC
;
L
3 'polypeptide(L)'
;HHHHHHTNLCPFGEVFNATRFASVYAWNRKRISNCVADYSVLYNSASFSTFKCYGVSPTKLNDLCFTNVYADSFVIRGDE
VRQIAPGQTGKIADYNYKLPDDFTGCVIAWNSNNLDSKVGGNYNYRYRLFRKSNLKPFERDISTEIYQAGSKPCNGVEGF
NCYFPLQSYGFQPTNGVGYQPYRVVVLSFELLHAPATVCGKK
;
E
4 'polypeptide(L)'
;AIRMTQSPGTLSLSPGERATLSCRASQSVSSSYLAWYQQKPGQAPRLLIYGASSRATGIPDRFSGSGSGTDFTLTISRLE
PEDFAVYYCQQYGTSPSWTFGQGTKVEIKRTVAAPSVFIFPPSDEQLKSGTASVVCLLNNFYPREAKVQWKVDNALQSGN
SQESVTEQDSKDSTYSLSSTLTLSKADYEKHKVYACEVTHQGLSSPVTKSFNRGEC
;
B
5 'polypeptide(L)'
;EVQLVQSGAEVKKPGSSVKVSCKASGGTFSSSVISWVRQAPGQGLEWMGGIIPLFGSANYAQKFQGRVTITADESTSTAY
MEMTSLRSEDTAVYYCAKVSQWALILFWGQGTLVTVSSASTKGPSVFPLAPSSKSTSGGTAALGCLVKDYFPEPVTVSWN
SGALTSGVHTFPAVLQSSGLYSLSSVVTVPSSSLGTQTYICNVNHKPSNTKVDKKVEPKSCDK
;
A
#
loop_
_chem_comp.id
_chem_comp.type
_chem_comp.name
_chem_comp.formula
BMA D-saccharide, beta linking beta-D-mannopyranose 'C6 H12 O6'
FUC L-saccharide, alpha linking alpha-L-fucopyranose 'C6 H12 O5'
NAG D-saccharide, beta linking 2-acetamido-2-deoxy-beta-D-glucopyranose 'C8 H15 N O6'
#
# COMPACT_ATOMS: atom_id res chain seq x y z
N GLU A 1 -1.27 1.33 38.00
CA GLU A 1 -1.23 -0.12 37.82
C GLU A 1 0.05 -0.54 37.09
N VAL A 2 0.02 -0.47 35.76
CA VAL A 2 1.22 -0.79 34.98
C VAL A 2 2.30 0.23 35.30
N GLN A 3 3.41 -0.26 35.85
CA GLN A 3 4.47 0.63 36.29
C GLN A 3 5.74 -0.16 36.53
N LEU A 4 6.85 0.58 36.54
CA LEU A 4 8.16 0.10 36.91
C LEU A 4 8.65 0.93 38.09
N VAL A 5 9.50 0.32 38.91
CA VAL A 5 10.01 0.94 40.13
C VAL A 5 11.49 0.63 40.21
N GLU A 6 12.32 1.64 39.95
CA GLU A 6 13.76 1.51 40.13
C GLU A 6 14.12 1.52 41.62
N SER A 7 15.38 1.24 41.89
CA SER A 7 15.89 1.22 43.25
C SER A 7 17.42 1.15 43.19
N GLY A 8 18.05 1.43 44.32
CA GLY A 8 19.47 1.21 44.49
C GLY A 8 20.35 2.42 44.24
N GLY A 9 19.80 3.53 43.80
CA GLY A 9 20.61 4.71 43.53
C GLY A 9 21.09 5.38 44.80
N GLY A 10 22.04 6.29 44.62
CA GLY A 10 22.59 7.04 45.74
C GLY A 10 23.89 7.74 45.41
N VAL A 11 24.79 7.81 46.38
CA VAL A 11 26.10 8.43 46.21
C VAL A 11 27.16 7.35 46.27
N VAL A 12 28.11 7.39 45.32
CA VAL A 12 29.15 6.37 45.21
C VAL A 12 30.47 7.07 44.90
N GLN A 13 31.54 6.65 45.60
CA GLN A 13 32.86 7.18 45.32
C GLN A 13 33.32 6.75 43.93
N PRO A 14 34.19 7.52 43.29
CA PRO A 14 34.73 7.10 42.00
C PRO A 14 35.49 5.80 42.12
N GLY A 15 35.39 4.97 41.08
CA GLY A 15 35.99 3.65 41.08
C GLY A 15 35.22 2.60 41.85
N ARG A 16 34.28 3.00 42.71
CA ARG A 16 33.48 2.06 43.47
C ARG A 16 32.25 1.65 42.67
N SER A 17 31.66 0.53 43.06
CA SER A 17 30.59 -0.11 42.31
C SER A 17 29.23 0.16 42.94
N LEU A 18 28.18 -0.09 42.16
CA LEU A 18 26.80 0.10 42.59
C LEU A 18 25.88 -0.65 41.63
N ARG A 19 24.79 -1.19 42.18
CA ARG A 19 23.83 -1.95 41.39
C ARG A 19 22.43 -1.38 41.55
N LEU A 20 21.75 -1.18 40.42
CA LEU A 20 20.36 -0.72 40.40
C LEU A 20 19.44 -1.88 40.06
N SER A 21 18.21 -1.83 40.58
CA SER A 21 17.22 -2.88 40.36
C SER A 21 15.93 -2.25 39.86
N CYS A 22 15.24 -2.97 38.97
CA CYS A 22 14.04 -2.48 38.30
C CYS A 22 12.92 -3.49 38.51
N ALA A 23 12.06 -3.22 39.51
CA ALA A 23 10.91 -4.06 39.77
C ALA A 23 9.69 -3.55 39.01
N ALA A 24 8.88 -4.48 38.51
CA ALA A 24 7.68 -4.17 37.76
C ALA A 24 6.47 -4.83 38.38
N SER A 25 5.30 -4.28 38.03
CA SER A 25 4.02 -4.83 38.47
C SER A 25 2.96 -4.38 37.48
N GLY A 26 1.77 -4.96 37.62
CA GLY A 26 0.72 -4.79 36.65
C GLY A 26 0.81 -5.69 35.44
N PHE A 27 2.00 -6.24 35.17
CA PHE A 27 2.22 -7.19 34.08
C PHE A 27 3.29 -8.16 34.55
N THR A 28 3.99 -8.79 33.61
CA THR A 28 5.08 -9.70 33.92
C THR A 28 6.34 -9.27 33.19
N LEU A 29 7.43 -9.08 33.93
CA LEU A 29 8.68 -8.62 33.33
C LEU A 29 9.19 -9.60 32.30
N ARG A 30 9.01 -10.91 32.53
CA ARG A 30 9.53 -11.90 31.61
C ARG A 30 9.05 -11.68 30.19
N SER A 31 7.88 -11.06 30.01
CA SER A 31 7.29 -10.96 28.69
C SER A 31 8.01 -9.95 27.79
N PHE A 32 8.77 -9.02 28.38
CA PHE A 32 9.33 -7.91 27.63
C PHE A 32 10.84 -7.82 27.83
N GLY A 33 11.52 -7.35 26.80
CA GLY A 33 12.90 -6.92 26.95
C GLY A 33 12.94 -5.51 27.52
N ILE A 34 13.91 -5.28 28.40
CA ILE A 34 13.97 -4.05 29.19
C ILE A 34 15.25 -3.30 28.83
N HIS A 35 15.15 -1.98 28.81
CA HIS A 35 16.27 -1.09 28.56
C HIS A 35 16.63 -0.30 29.81
N TRP A 36 17.81 0.30 29.77
CA TRP A 36 18.22 1.29 30.77
C TRP A 36 18.68 2.54 30.02
N VAL A 37 18.05 3.67 30.34
CA VAL A 37 18.36 4.95 29.71
C VAL A 37 18.66 5.95 30.82
N ARG A 38 19.83 6.57 30.76
CA ARG A 38 20.23 7.56 31.75
C ARG A 38 20.22 8.95 31.15
N GLN A 39 20.19 9.96 32.02
CA GLN A 39 20.18 11.36 31.62
C GLN A 39 21.03 12.15 32.60
N ALA A 40 22.16 12.66 32.13
CA ALA A 40 23.02 13.50 32.96
C ALA A 40 22.28 14.78 33.32
N PRO A 41 22.72 15.46 34.38
CA PRO A 41 22.05 16.72 34.78
C PRO A 41 22.14 17.76 33.68
N GLY A 42 20.98 18.23 33.23
CA GLY A 42 20.92 19.28 32.23
C GLY A 42 21.34 18.87 30.84
N LYS A 43 21.26 17.57 30.52
CA LYS A 43 21.66 17.07 29.21
C LYS A 43 20.59 16.14 28.67
N GLY A 44 20.80 15.64 27.46
CA GLY A 44 19.84 14.80 26.79
C GLY A 44 19.89 13.36 27.26
N LEU A 45 18.97 12.57 26.70
CA LEU A 45 18.88 11.16 27.05
C LEU A 45 20.03 10.37 26.42
N GLU A 46 20.44 9.31 27.11
CA GLU A 46 21.50 8.43 26.64
C GLU A 46 21.09 6.99 26.91
N TRP A 47 21.08 6.17 25.86
CA TRP A 47 20.75 4.77 26.00
C TRP A 47 21.97 4.03 26.56
N VAL A 48 21.74 3.24 27.61
CA VAL A 48 22.83 2.58 28.32
C VAL A 48 22.96 1.12 27.90
N ALA A 49 21.93 0.31 28.17
CA ALA A 49 22.03 -1.12 27.91
C ALA A 49 20.65 -1.69 27.64
N PHE A 50 20.65 -2.95 27.18
CA PHE A 50 19.43 -3.68 26.91
C PHE A 50 19.64 -5.15 27.27
N ILE A 51 18.56 -5.80 27.66
CA ILE A 51 18.55 -7.24 27.86
C ILE A 51 17.29 -7.81 27.23
N SER A 52 17.41 -8.97 26.59
CA SER A 52 16.25 -9.61 26.00
C SER A 52 15.32 -10.11 27.11
N TYR A 53 14.15 -10.59 26.69
CA TYR A 53 13.18 -11.12 27.65
C TYR A 53 13.72 -12.34 28.38
N ASP A 54 14.58 -13.12 27.73
CA ASP A 54 15.13 -14.34 28.31
C ASP A 54 16.56 -14.19 28.80
N GLY A 55 17.19 -13.04 28.59
CA GLY A 55 18.56 -12.84 28.98
C GLY A 55 19.60 -13.40 28.03
N SER A 56 19.18 -14.10 26.97
CA SER A 56 20.12 -14.69 26.03
C SER A 56 20.88 -13.62 25.23
N ASN A 57 20.38 -12.38 25.21
CA ASN A 57 21.00 -11.30 24.48
C ASN A 57 21.16 -10.10 25.39
N GLN A 58 22.37 -9.54 25.43
CA GLN A 58 22.66 -8.37 26.26
C GLN A 58 23.53 -7.42 25.45
N TYR A 59 23.07 -6.18 25.30
CA TYR A 59 23.77 -5.17 24.51
C TYR A 59 23.97 -3.93 25.36
N TYR A 60 25.18 -3.37 25.32
CA TYR A 60 25.54 -2.22 26.13
C TYR A 60 26.01 -1.08 25.23
N GLU A 61 25.99 0.12 25.78
CA GLU A 61 26.56 1.27 25.11
C GLU A 61 28.07 1.19 25.12
N ASP A 62 28.70 1.85 24.14
CA ASP A 62 30.16 1.84 24.07
C ASP A 62 30.76 2.49 25.32
N SER A 63 30.12 3.54 25.84
CA SER A 63 30.70 4.31 26.94
C SER A 63 30.62 3.59 28.28
N VAL A 64 29.87 2.49 28.37
CA VAL A 64 29.76 1.73 29.61
C VAL A 64 30.05 0.26 29.33
N LYS A 65 30.58 -0.01 28.14
CA LYS A 65 30.86 -1.39 27.74
C LYS A 65 31.98 -1.96 28.60
N GLY A 66 31.75 -3.16 29.15
CA GLY A 66 32.72 -3.81 30.01
C GLY A 66 32.78 -3.29 31.42
N ARG A 67 32.08 -2.20 31.74
CA ARG A 67 31.97 -1.71 33.10
C ARG A 67 30.61 -1.95 33.71
N PHE A 68 29.56 -1.97 32.91
CA PHE A 68 28.21 -2.28 33.37
C PHE A 68 27.86 -3.71 32.97
N THR A 69 26.94 -4.31 33.72
CA THR A 69 26.47 -5.66 33.45
C THR A 69 24.98 -5.72 33.73
N ILE A 70 24.20 -6.07 32.71
CA ILE A 70 22.75 -6.15 32.83
C ILE A 70 22.36 -7.62 33.00
N SER A 71 21.33 -7.85 33.80
CA SER A 71 20.85 -9.20 34.05
C SER A 71 19.40 -9.11 34.51
N ARG A 72 18.68 -10.23 34.41
CA ARG A 72 17.29 -10.26 34.81
C ARG A 72 16.99 -11.55 35.55
N ASP A 73 16.14 -11.45 36.56
CA ASP A 73 15.69 -12.61 37.34
C ASP A 73 14.31 -12.98 36.81
N ASN A 74 14.30 -13.77 35.74
CA ASN A 74 13.04 -14.19 35.13
C ASN A 74 12.15 -14.92 36.13
N SER A 75 12.74 -15.79 36.96
CA SER A 75 11.94 -16.55 37.92
C SER A 75 11.24 -15.63 38.91
N LYS A 76 11.85 -14.50 39.27
CA LYS A 76 11.28 -13.56 40.22
C LYS A 76 10.85 -12.25 39.57
N ASN A 77 10.93 -12.13 38.24
CA ASN A 77 10.46 -10.96 37.50
C ASN A 77 11.18 -9.70 37.94
N THR A 78 12.49 -9.68 37.71
CA THR A 78 13.34 -8.58 38.14
C THR A 78 14.37 -8.30 37.04
N VAL A 79 14.86 -7.06 37.00
CA VAL A 79 15.97 -6.68 36.14
C VAL A 79 16.95 -5.85 36.97
N ASP A 80 18.23 -6.15 36.84
CA ASP A 80 19.28 -5.44 37.55
C ASP A 80 20.29 -4.86 36.57
N LEU A 81 21.10 -3.92 37.08
CA LEU A 81 22.18 -3.31 36.30
C LEU A 81 23.35 -3.12 37.24
N GLN A 82 24.39 -3.94 37.08
CA GLN A 82 25.58 -3.87 37.92
C GLN A 82 26.55 -2.86 37.32
N MET A 83 26.83 -1.79 38.06
CA MET A 83 27.69 -0.71 37.59
C MET A 83 28.96 -0.69 38.43
N ASN A 84 30.10 -0.81 37.77
CA ASN A 84 31.40 -0.84 38.42
C ASN A 84 32.34 0.15 37.75
N SER A 85 33.39 0.53 38.48
CA SER A 85 34.34 1.56 38.02
C SER A 85 33.60 2.84 37.64
N LEU A 86 32.77 3.31 38.56
CA LEU A 86 31.91 4.46 38.29
C LEU A 86 32.72 5.75 38.28
N SER A 87 32.56 6.54 37.23
CA SER A 87 33.19 7.85 37.13
C SER A 87 32.13 8.93 37.35
N THR A 88 32.60 10.16 37.54
CA THR A 88 31.68 11.28 37.68
C THR A 88 30.86 11.47 36.42
N GLU A 89 31.38 11.04 35.26
CA GLU A 89 30.59 11.04 34.03
C GLU A 89 29.46 10.02 34.06
N ASP A 90 29.35 9.21 35.12
CA ASP A 90 28.23 8.30 35.27
C ASP A 90 27.12 8.88 36.16
N THR A 91 27.35 10.03 36.79
CA THR A 91 26.33 10.67 37.60
C THR A 91 25.18 11.13 36.71
N ALA A 92 24.00 10.55 36.93
CA ALA A 92 22.82 10.83 36.12
C ALA A 92 21.62 10.17 36.80
N VAL A 93 20.44 10.39 36.21
CA VAL A 93 19.22 9.71 36.61
C VAL A 93 19.03 8.51 35.70
N TYR A 94 18.77 7.34 36.30
CA TYR A 94 18.69 6.09 35.56
C TYR A 94 17.25 5.57 35.57
N TRP A 95 16.65 5.49 34.39
CA TRP A 95 15.35 4.87 34.19
C TRP A 95 15.53 3.47 33.63
N CYS A 96 14.59 2.60 33.95
CA CYS A 96 14.41 1.34 33.22
C CYS A 96 13.13 1.47 32.41
N ALA A 97 13.21 1.13 31.13
CA ALA A 97 12.10 1.35 30.22
C ALA A 97 11.72 0.03 29.58
N LYS A 98 10.45 -0.32 29.67
CA LYS A 98 9.94 -1.56 29.14
C LYS A 98 9.59 -1.40 27.66
N ASP A 99 9.96 -2.40 26.87
CA ASP A 99 9.63 -2.37 25.44
C ASP A 99 8.12 -2.55 25.24
N LEU A 100 7.59 -1.88 24.23
CA LEU A 100 6.14 -1.81 24.04
C LEU A 100 5.53 -3.19 23.80
N LEU A 101 5.96 -3.85 22.74
CA LEU A 101 5.47 -5.17 22.38
C LEU A 101 6.37 -6.24 22.98
N PRO A 102 5.88 -7.48 23.10
CA PRO A 102 6.63 -8.48 23.88
C PRO A 102 7.71 -9.18 23.07
N LEU A 103 8.52 -9.96 23.81
CA LEU A 103 9.53 -10.87 23.26
C LEU A 103 10.52 -10.06 22.43
N LEU A 104 10.79 -10.44 21.19
CA LEU A 104 11.71 -9.71 20.31
C LEU A 104 10.93 -8.61 19.58
N ALA A 105 10.80 -7.45 20.26
CA ALA A 105 10.13 -6.26 19.71
C ALA A 105 11.08 -5.09 19.88
N LEU A 106 12.03 -5.00 18.97
CA LEU A 106 13.09 -4.02 19.05
C LEU A 106 12.92 -2.89 18.04
N TYR A 107 11.87 -2.91 17.23
CA TYR A 107 11.80 -1.99 16.11
C TYR A 107 10.70 -0.96 16.28
N TYR A 108 10.27 -0.72 17.51
CA TYR A 108 9.19 0.23 17.75
C TYR A 108 9.66 1.27 18.76
N GLY A 109 9.45 1.04 20.06
CA GLY A 109 9.85 2.01 21.04
C GLY A 109 9.39 1.67 22.45
N MET A 110 10.13 2.17 23.44
CA MET A 110 9.79 1.94 24.83
C MET A 110 8.57 2.76 25.24
N ASP A 111 7.63 2.13 25.93
CA ASP A 111 6.36 2.75 26.28
C ASP A 111 6.18 2.97 27.77
N VAL A 112 6.67 2.06 28.62
CA VAL A 112 6.48 2.15 30.06
C VAL A 112 7.84 2.41 30.71
N TRP A 113 7.92 3.50 31.47
CA TRP A 113 9.13 3.90 32.15
C TRP A 113 8.91 3.89 33.66
N GLY A 114 10.00 3.82 34.41
CA GLY A 114 9.95 3.95 35.85
C GLY A 114 10.11 5.40 36.28
N GLN A 115 10.03 5.62 37.59
CA GLN A 115 10.23 6.96 38.13
C GLN A 115 11.70 7.37 38.11
N GLY A 116 12.62 6.43 37.87
CA GLY A 116 14.03 6.75 37.79
C GLY A 116 14.67 7.00 39.14
N THR A 117 15.86 6.45 39.33
CA THR A 117 16.65 6.70 40.52
C THR A 117 17.88 7.51 40.14
N THR A 118 18.41 8.23 41.13
CA THR A 118 19.54 9.12 40.92
C THR A 118 20.81 8.48 41.46
N VAL A 119 21.88 8.53 40.66
CA VAL A 119 23.18 8.03 41.05
C VAL A 119 24.16 9.19 41.00
N THR A 120 24.81 9.46 42.13
CA THR A 120 25.78 10.54 42.24
C THR A 120 27.16 9.93 42.50
N VAL A 121 28.10 10.18 41.60
CA VAL A 121 29.45 9.64 41.71
C VAL A 121 30.35 10.77 42.19
N SER A 122 30.47 10.91 43.51
CA SER A 122 31.29 11.94 44.11
C SER A 122 31.90 11.40 45.39
N SER A 123 33.14 11.82 45.67
CA SER A 123 33.83 11.42 46.89
C SER A 123 33.51 12.33 48.06
N ALA A 124 32.69 13.36 47.87
CA ALA A 124 32.39 14.30 48.93
C ALA A 124 31.57 13.62 50.04
N SER A 125 31.68 14.18 51.23
CA SER A 125 30.91 13.71 52.38
C SER A 125 29.68 14.60 52.58
N THR A 126 28.73 14.07 53.33
CA THR A 126 27.51 14.82 53.61
C THR A 126 27.83 16.08 54.42
N LYS A 127 27.39 17.23 53.92
CA LYS A 127 27.60 18.49 54.62
C LYS A 127 26.32 19.31 54.56
N GLY A 128 25.91 19.85 55.70
CA GLY A 128 24.79 20.75 55.77
C GLY A 128 25.10 22.07 55.09
N PRO A 129 24.06 22.76 54.64
CA PRO A 129 24.27 24.04 53.95
C PRO A 129 24.42 25.20 54.92
N SER A 130 25.06 26.26 54.42
CA SER A 130 25.17 27.52 55.12
C SER A 130 24.22 28.52 54.45
N VAL A 131 23.23 28.99 55.20
CA VAL A 131 22.21 29.89 54.67
C VAL A 131 22.60 31.31 55.01
N PHE A 132 22.78 32.14 54.00
CA PHE A 132 23.10 33.54 54.17
C PHE A 132 22.00 34.41 53.55
N PRO A 133 21.76 35.59 54.12
CA PRO A 133 20.69 36.45 53.59
C PRO A 133 21.14 37.33 52.44
N LEU A 134 20.38 37.35 51.36
CA LEU A 134 20.55 38.31 50.26
C LEU A 134 19.61 39.46 50.54
N ALA A 135 20.10 40.46 51.28
CA ALA A 135 19.26 41.53 51.81
C ALA A 135 18.89 42.53 50.72
N PRO A 136 17.68 43.07 50.75
CA PRO A 136 17.31 44.11 49.78
C PRO A 136 18.06 45.40 50.07
N SER A 137 18.41 46.11 48.99
CA SER A 137 19.22 47.31 49.10
C SER A 137 18.72 48.32 48.07
N SER A 138 19.52 49.36 47.85
CA SER A 138 19.22 50.32 46.80
C SER A 138 19.29 49.67 45.42
N LYS A 139 20.07 48.59 45.29
CA LYS A 139 20.10 47.84 44.05
C LYS A 139 18.74 47.22 43.74
N SER A 140 18.12 46.61 44.76
CA SER A 140 16.78 46.07 44.64
C SER A 140 15.79 47.22 44.57
N THR A 141 15.67 47.80 43.38
CA THR A 141 14.73 48.89 43.13
C THR A 141 14.33 48.82 41.66
N SER A 142 13.33 47.99 41.37
CA SER A 142 12.75 47.87 40.04
C SER A 142 11.50 48.75 39.88
N GLY A 143 11.54 49.96 40.41
CA GLY A 143 10.42 50.89 40.29
C GLY A 143 9.23 50.53 41.16
N GLY A 144 9.43 50.53 42.48
CA GLY A 144 8.38 50.19 43.41
C GLY A 144 8.46 48.80 43.97
N THR A 145 9.27 47.92 43.39
CA THR A 145 9.45 46.56 43.89
C THR A 145 10.91 46.31 44.24
N ALA A 146 11.13 45.55 45.30
CA ALA A 146 12.46 45.18 45.76
C ALA A 146 12.60 43.67 45.75
N ALA A 147 13.84 43.20 45.62
CA ALA A 147 14.15 41.78 45.55
C ALA A 147 15.04 41.40 46.73
N LEU A 148 14.70 40.28 47.38
CA LEU A 148 15.49 39.75 48.48
C LEU A 148 15.50 38.23 48.37
N GLY A 149 16.48 37.61 48.99
CA GLY A 149 16.57 36.17 48.88
C GLY A 149 17.52 35.55 49.89
N CYS A 150 17.75 34.26 49.72
CA CYS A 150 18.67 33.48 50.53
C CYS A 150 19.74 32.86 49.62
N LEU A 151 20.87 32.52 50.23
CA LEU A 151 21.95 31.81 49.53
C LEU A 151 22.23 30.53 50.30
N VAL A 152 21.88 29.40 49.69
CA VAL A 152 22.10 28.08 50.27
C VAL A 152 23.41 27.56 49.68
N LYS A 153 24.50 27.66 50.45
CA LYS A 153 25.84 27.45 49.94
C LYS A 153 26.53 26.28 50.62
N ASP A 154 27.26 25.50 49.84
CA ASP A 154 28.19 24.47 50.29
C ASP A 154 27.47 23.35 51.04
N TYR A 155 26.77 22.53 50.26
CA TYR A 155 26.09 21.36 50.79
C TYR A 155 26.28 20.20 49.82
N PHE A 156 25.99 19.00 50.33
CA PHE A 156 26.07 17.76 49.57
C PHE A 156 25.38 16.65 50.35
N PRO A 157 24.63 15.78 49.67
CA PRO A 157 24.31 15.81 48.24
C PRO A 157 23.02 16.57 47.97
N GLU A 158 22.49 16.43 46.76
CA GLU A 158 21.20 17.02 46.43
C GLU A 158 20.07 16.23 47.10
N PRO A 159 18.92 16.86 47.32
CA PRO A 159 18.57 18.25 47.04
C PRO A 159 18.34 19.09 48.29
N VAL A 160 18.01 20.37 48.11
CA VAL A 160 17.48 21.21 49.15
C VAL A 160 16.13 21.76 48.68
N THR A 161 15.33 22.20 49.62
CA THR A 161 14.05 22.82 49.34
C THR A 161 13.96 24.13 50.11
N VAL A 162 13.52 25.18 49.43
CA VAL A 162 13.41 26.51 50.02
C VAL A 162 11.96 26.98 49.88
N SER A 163 11.33 27.25 51.01
CA SER A 163 10.05 27.95 51.05
C SER A 163 10.25 29.32 51.68
N TRP A 164 9.21 30.15 51.62
CA TRP A 164 9.28 31.49 52.17
C TRP A 164 8.11 31.70 53.12
N ASN A 165 8.42 32.19 54.32
CA ASN A 165 7.43 32.42 55.37
C ASN A 165 6.61 31.16 55.66
N SER A 166 7.28 30.01 55.59
CA SER A 166 6.67 28.71 55.87
C SER A 166 5.48 28.44 54.94
N GLY A 167 5.61 28.84 53.68
CA GLY A 167 4.61 28.60 52.67
C GLY A 167 3.64 29.73 52.42
N ALA A 168 3.62 30.74 53.30
CA ALA A 168 2.68 31.84 53.15
C ALA A 168 3.03 32.76 51.99
N LEU A 169 4.27 32.69 51.49
CA LEU A 169 4.73 33.55 50.40
C LEU A 169 5.18 32.65 49.25
N THR A 170 4.41 32.63 48.16
CA THR A 170 4.71 31.81 47.00
C THR A 170 4.80 32.59 45.70
N SER A 171 4.15 33.75 45.60
CA SER A 171 4.13 34.51 44.35
C SER A 171 5.43 35.30 44.20
N GLY A 172 6.01 35.26 43.00
CA GLY A 172 7.25 35.96 42.74
C GLY A 172 8.50 35.30 43.29
N VAL A 173 8.38 34.08 43.80
CA VAL A 173 9.51 33.35 44.35
C VAL A 173 10.22 32.61 43.22
N HIS A 174 11.53 32.80 43.13
CA HIS A 174 12.38 32.10 42.17
C HIS A 174 13.44 31.32 42.95
N THR A 175 13.36 29.99 42.88
CA THR A 175 14.38 29.12 43.47
C THR A 175 15.19 28.53 42.31
N PHE A 176 16.44 28.96 42.19
CA PHE A 176 17.27 28.56 41.07
C PHE A 176 17.80 27.14 41.28
N PRO A 177 18.06 26.41 40.18
CA PRO A 177 18.69 25.10 40.31
C PRO A 177 20.08 25.22 40.90
N ALA A 178 20.47 24.21 41.66
CA ALA A 178 21.78 24.21 42.31
C ALA A 178 22.89 24.06 41.28
N VAL A 179 24.06 24.59 41.63
CA VAL A 179 25.26 24.46 40.81
C VAL A 179 26.29 23.67 41.60
N LEU A 180 27.09 22.87 40.89
CA LEU A 180 28.16 22.12 41.50
C LEU A 180 29.45 22.92 41.40
N GLN A 181 29.96 23.36 42.55
CA GLN A 181 31.18 24.15 42.59
C GLN A 181 32.40 23.26 42.39
N SER A 182 33.54 23.91 42.17
CA SER A 182 34.80 23.19 42.01
C SER A 182 35.26 22.50 43.30
N SER A 183 34.55 22.71 44.41
CA SER A 183 34.87 22.06 45.68
C SER A 183 34.13 20.75 45.87
N GLY A 184 33.26 20.37 44.94
CA GLY A 184 32.44 19.20 45.11
C GLY A 184 31.21 19.41 45.96
N LEU A 185 30.88 20.66 46.28
CA LEU A 185 29.70 21.01 47.07
C LEU A 185 28.76 21.82 46.22
N TYR A 186 27.45 21.58 46.39
CA TYR A 186 26.45 22.33 45.66
C TYR A 186 26.16 23.67 46.35
N SER A 187 25.76 24.65 45.54
CA SER A 187 25.31 25.93 46.04
C SER A 187 24.05 26.33 45.29
N LEU A 188 23.17 27.04 45.98
CA LEU A 188 21.86 27.38 45.43
C LEU A 188 21.43 28.73 45.98
N SER A 189 20.61 29.44 45.19
CA SER A 189 20.07 30.72 45.60
C SER A 189 18.57 30.75 45.33
N SER A 190 17.83 31.25 46.31
CA SER A 190 16.40 31.51 46.17
C SER A 190 16.15 32.99 46.37
N VAL A 191 15.31 33.58 45.52
CA VAL A 191 14.99 35.00 45.60
C VAL A 191 13.48 35.17 45.53
N VAL A 192 13.02 36.31 46.03
CA VAL A 192 11.62 36.70 45.94
C VAL A 192 11.56 38.20 45.73
N THR A 193 10.67 38.64 44.85
CA THR A 193 10.44 40.04 44.59
C THR A 193 9.22 40.50 45.39
N VAL A 194 9.38 41.58 46.14
CA VAL A 194 8.34 42.05 47.06
C VAL A 194 8.17 43.55 46.86
N PRO A 195 7.02 44.10 47.25
CA PRO A 195 6.85 45.55 47.18
C PRO A 195 7.77 46.27 48.16
N SER A 196 8.25 47.45 47.74
CA SER A 196 9.20 48.20 48.56
C SER A 196 8.55 48.74 49.83
N SER A 197 7.24 48.96 49.81
CA SER A 197 6.54 49.58 50.93
C SER A 197 6.31 48.63 52.10
N SER A 198 6.71 47.36 51.98
CA SER A 198 6.51 46.39 53.05
C SER A 198 7.82 45.95 53.71
N LEU A 199 8.95 46.53 53.30
CA LEU A 199 10.24 46.12 53.85
C LEU A 199 10.38 46.47 55.33
N GLY A 200 9.58 47.42 55.83
CA GLY A 200 9.71 47.84 57.20
C GLY A 200 8.69 47.20 58.15
N THR A 201 7.68 46.55 57.58
CA THR A 201 6.61 45.96 58.39
C THR A 201 6.45 44.46 58.21
N GLN A 202 6.86 43.91 57.07
CA GLN A 202 6.68 42.49 56.78
C GLN A 202 8.00 41.76 56.96
N THR A 203 8.00 40.74 57.82
CA THR A 203 9.17 39.91 58.02
C THR A 203 9.25 38.85 56.93
N TYR A 204 10.46 38.67 56.38
CA TYR A 204 10.71 37.68 55.34
C TYR A 204 11.74 36.68 55.85
N ILE A 205 11.36 35.40 55.85
CA ILE A 205 12.22 34.32 56.30
C ILE A 205 12.16 33.20 55.28
N CYS A 206 13.31 32.65 54.92
CA CYS A 206 13.40 31.50 54.03
C CYS A 206 13.58 30.24 54.86
N ASN A 207 12.92 29.17 54.46
CA ASN A 207 12.96 27.89 55.18
C ASN A 207 13.73 26.90 54.31
N VAL A 208 14.99 26.68 54.65
CA VAL A 208 15.87 25.77 53.91
C VAL A 208 15.84 24.41 54.60
N ASN A 209 15.59 23.36 53.83
CA ASN A 209 15.51 22.01 54.35
C ASN A 209 16.39 21.10 53.50
N HIS A 210 17.42 20.53 54.13
CA HIS A 210 18.34 19.59 53.48
C HIS A 210 18.23 18.26 54.23
N LYS A 211 17.30 17.41 53.77
CA LYS A 211 17.07 16.14 54.45
C LYS A 211 18.29 15.21 54.52
N PRO A 212 19.19 15.16 53.54
CA PRO A 212 20.39 14.32 53.71
C PRO A 212 21.20 14.61 54.95
N SER A 213 21.21 15.84 55.45
CA SER A 213 21.99 16.21 56.63
C SER A 213 21.13 16.56 57.83
N ASN A 214 19.82 16.27 57.78
CA ASN A 214 18.90 16.58 58.87
C ASN A 214 18.97 18.05 59.27
N THR A 215 19.08 18.91 58.27
CA THR A 215 19.29 20.34 58.47
C THR A 215 18.02 21.11 58.16
N LYS A 216 17.56 21.91 59.12
CA LYS A 216 16.43 22.80 58.94
C LYS A 216 16.82 24.19 59.43
N VAL A 217 16.95 25.14 58.51
CA VAL A 217 17.37 26.50 58.83
C VAL A 217 16.29 27.47 58.39
N ASP A 218 15.88 28.35 59.31
CA ASP A 218 14.97 29.45 59.02
C ASP A 218 15.76 30.74 59.15
N LYS A 219 15.96 31.45 58.04
CA LYS A 219 16.84 32.61 57.98
C LYS A 219 16.00 33.86 57.72
N ARG A 220 16.01 34.79 58.68
CA ARG A 220 15.32 36.06 58.52
C ARG A 220 16.17 36.98 57.65
N VAL A 221 15.57 37.53 56.60
CA VAL A 221 16.24 38.44 55.68
C VAL A 221 15.71 39.84 55.95
N GLU A 222 16.56 40.72 56.46
CA GLU A 222 16.21 42.09 56.79
C GLU A 222 17.01 43.05 55.92
N PRO A 223 16.46 44.23 55.62
CA PRO A 223 17.23 45.22 54.87
C PRO A 223 18.46 45.69 55.65
N LYS A 224 19.59 45.76 54.95
CA LYS A 224 20.85 46.09 55.59
C LYS A 224 20.84 47.51 56.14
N SER A 225 21.34 47.66 57.36
CA SER A 225 21.41 48.95 58.03
C SER A 225 22.77 49.61 57.77
N CYS A 226 22.75 50.92 57.61
CA CYS A 226 23.98 51.67 57.37
C CYS A 226 24.75 51.88 58.66
N ASP B 1 28.93 3.98 15.32
CA ASP B 1 27.48 4.04 15.52
C ASP B 1 26.82 5.00 14.55
N ILE B 2 25.49 4.95 14.51
CA ILE B 2 24.71 5.89 13.71
C ILE B 2 24.44 7.12 14.58
N VAL B 3 24.67 8.30 14.02
CA VAL B 3 24.59 9.55 14.76
C VAL B 3 23.23 10.19 14.51
N MET B 4 22.50 10.46 15.59
CA MET B 4 21.21 11.14 15.50
C MET B 4 21.41 12.64 15.71
N THR B 5 20.81 13.43 14.81
CA THR B 5 20.90 14.88 14.88
C THR B 5 19.50 15.47 14.77
N GLN B 6 19.16 16.35 15.71
CA GLN B 6 17.90 17.07 15.68
C GLN B 6 18.15 18.55 15.48
N SER B 7 17.14 19.24 14.94
CA SER B 7 17.25 20.66 14.66
C SER B 7 15.85 21.23 14.60
N PRO B 8 15.61 22.45 15.11
CA PRO B 8 16.57 23.35 15.76
C PRO B 8 16.87 22.90 17.18
N ALA B 9 17.83 23.52 17.86
CA ALA B 9 18.05 23.19 19.27
C ALA B 9 16.88 23.65 20.12
N THR B 10 16.26 24.77 19.76
CA THR B 10 15.12 25.31 20.49
C THR B 10 14.11 25.87 19.51
N LEU B 11 12.84 25.52 19.69
CA LEU B 11 11.74 26.05 18.90
C LEU B 11 10.93 27.01 19.76
N SER B 12 10.84 28.26 19.33
CA SER B 12 10.11 29.30 20.04
C SER B 12 8.91 29.70 19.20
N LEU B 13 7.75 29.17 19.54
CA LEU B 13 6.52 29.39 18.80
C LEU B 13 5.39 29.74 19.76
N SER B 14 4.51 30.63 19.33
CA SER B 14 3.33 30.96 20.11
C SER B 14 2.40 29.75 20.18
N PRO B 15 1.58 29.66 21.23
CA PRO B 15 0.62 28.56 21.30
C PRO B 15 -0.35 28.58 20.13
N GLY B 16 -0.66 27.41 19.60
CA GLY B 16 -1.49 27.28 18.44
C GLY B 16 -0.76 27.19 17.12
N GLU B 17 0.50 27.62 17.07
CA GLU B 17 1.28 27.53 15.84
C GLU B 17 1.68 26.09 15.55
N ARG B 18 2.01 25.84 14.29
CA ARG B 18 2.48 24.54 13.87
C ARG B 18 3.98 24.39 14.16
N ALA B 19 4.35 23.31 14.85
CA ALA B 19 5.72 23.03 15.18
C ALA B 19 6.22 21.87 14.33
N THR B 20 7.34 22.08 13.66
CA THR B 20 7.97 21.07 12.80
C THR B 20 9.38 20.82 13.30
N LEU B 21 9.58 19.67 13.95
CA LEU B 21 10.89 19.30 14.47
C LEU B 21 11.56 18.30 13.54
N SER B 22 12.86 18.48 13.35
CA SER B 22 13.63 17.66 12.42
C SER B 22 14.52 16.68 13.20
N CYS B 23 14.72 15.51 12.58
CA CYS B 23 15.64 14.49 13.08
C CYS B 23 16.31 13.85 11.89
N ARG B 24 17.65 13.85 11.88
CA ARG B 24 18.41 13.33 10.76
C ARG B 24 19.33 12.21 11.23
N ALA B 25 19.44 11.17 10.41
CA ALA B 25 20.24 10.00 10.71
C ALA B 25 21.47 9.97 9.80
N SER B 26 22.63 9.68 10.39
CA SER B 26 23.85 9.61 9.59
C SER B 26 23.81 8.46 8.60
N GLN B 27 23.17 7.36 8.97
CA GLN B 27 22.95 6.22 8.07
C GLN B 27 21.48 5.87 8.08
N SER B 28 21.05 5.12 7.06
CA SER B 28 19.64 4.81 6.91
C SER B 28 19.17 3.91 8.06
N VAL B 29 18.19 4.39 8.81
CA VAL B 29 17.60 3.61 9.90
C VAL B 29 16.25 3.02 9.48
N SER B 30 15.97 2.98 8.19
CA SER B 30 14.68 2.49 7.66
C SER B 30 13.58 3.34 8.30
N SER B 31 12.48 2.74 8.74
CA SER B 31 11.44 3.45 9.47
C SER B 31 11.52 3.20 10.97
N TYR B 32 12.61 2.60 11.45
CA TYR B 32 12.77 2.24 12.85
C TYR B 32 13.28 3.46 13.63
N LEU B 33 12.39 4.44 13.79
CA LEU B 33 12.67 5.66 14.52
C LEU B 33 11.50 5.97 15.44
N ALA B 34 11.80 6.42 16.65
CA ALA B 34 10.79 6.71 17.65
C ALA B 34 11.02 8.11 18.23
N TRP B 35 9.91 8.80 18.51
CA TRP B 35 9.94 10.12 19.14
C TRP B 35 9.49 10.02 20.59
N TYR B 36 10.15 10.77 21.47
CA TYR B 36 9.80 10.81 22.87
C TYR B 36 9.63 12.25 23.33
N GLN B 37 8.76 12.45 24.31
CA GLN B 37 8.53 13.74 24.94
C GLN B 37 8.91 13.64 26.42
N GLN B 38 9.72 14.59 26.89
CA GLN B 38 10.12 14.62 28.30
C GLN B 38 9.80 15.98 28.88
N LYS B 39 8.85 16.00 29.80
CA LYS B 39 8.60 17.19 30.61
C LYS B 39 9.52 17.21 31.81
N PRO B 40 9.81 18.39 32.37
CA PRO B 40 10.80 18.46 33.45
C PRO B 40 10.40 17.61 34.65
N GLY B 41 11.40 16.96 35.25
CA GLY B 41 11.18 16.12 36.39
C GLY B 41 10.34 14.90 36.10
N GLN B 42 10.16 14.59 34.82
CA GLN B 42 9.35 13.45 34.38
C GLN B 42 10.19 12.52 33.52
N ALA B 43 9.76 11.27 33.46
CA ALA B 43 10.34 10.33 32.53
C ALA B 43 9.83 10.61 31.12
N PRO B 44 10.59 10.25 30.10
CA PRO B 44 10.13 10.43 28.72
C PRO B 44 8.84 9.66 28.45
N ARG B 45 8.10 10.14 27.44
CA ARG B 45 6.80 9.57 27.09
C ARG B 45 6.80 9.29 25.59
N LEU B 46 6.53 8.03 25.22
CA LEU B 46 6.55 7.62 23.82
C LEU B 46 5.44 8.32 23.05
N LEU B 47 5.81 9.08 22.03
CA LEU B 47 4.84 9.75 21.16
C LEU B 47 4.63 8.98 19.86
N ILE B 48 5.70 8.74 19.12
CA ILE B 48 5.64 8.08 17.82
C ILE B 48 6.62 6.91 17.83
N TYR B 49 6.17 5.77 17.30
CA TYR B 49 7.03 4.63 17.04
C TYR B 49 6.91 4.26 15.57
N GLU B 50 7.93 3.55 15.06
CA GLU B 50 7.94 3.09 13.67
C GLU B 50 7.76 4.26 12.70
N ALA B 51 8.48 5.35 12.96
CA ALA B 51 8.55 6.54 12.11
C ALA B 51 7.27 7.37 12.13
N SER B 52 6.11 6.77 11.89
CA SER B 52 4.89 7.54 11.70
C SER B 52 3.68 7.04 12.48
N ASN B 53 3.79 5.95 13.24
CA ASN B 53 2.67 5.42 13.99
C ASN B 53 2.57 6.11 15.34
N ARG B 54 1.37 6.59 15.67
CA ARG B 54 1.15 7.29 16.93
C ARG B 54 0.93 6.29 18.07
N ALA B 55 1.54 6.57 19.21
CA ALA B 55 1.40 5.70 20.36
C ALA B 55 0.00 5.86 20.97
N THR B 56 -0.39 4.87 21.77
CA THR B 56 -1.71 4.89 22.39
C THR B 56 -1.83 6.05 23.37
N GLY B 57 -2.94 6.77 23.28
CA GLY B 57 -3.23 7.87 24.18
C GLY B 57 -2.66 9.21 23.76
N ILE B 58 -1.77 9.24 22.77
CA ILE B 58 -1.19 10.50 22.30
C ILE B 58 -2.22 11.24 21.48
N PRO B 59 -2.43 12.53 21.70
CA PRO B 59 -3.41 13.29 20.92
C PRO B 59 -3.09 13.27 19.44
N ALA B 60 -4.13 13.51 18.63
CA ALA B 60 -4.00 13.39 17.18
C ALA B 60 -3.09 14.43 16.57
N ARG B 61 -2.87 15.56 17.25
CA ARG B 61 -2.05 16.63 16.70
C ARG B 61 -0.58 16.24 16.56
N PHE B 62 -0.13 15.24 17.31
CA PHE B 62 1.23 14.73 17.15
C PHE B 62 1.27 13.77 15.96
N SER B 63 2.21 14.00 15.04
CA SER B 63 2.31 13.16 13.85
C SER B 63 3.77 13.10 13.41
N GLY B 64 4.21 11.90 13.04
CA GLY B 64 5.55 11.71 12.53
C GLY B 64 5.56 11.33 11.06
N SER B 65 6.70 11.51 10.40
CA SER B 65 6.82 11.20 8.99
C SER B 65 8.29 11.10 8.63
N GLY B 66 8.57 10.43 7.51
CA GLY B 66 9.91 10.26 7.01
C GLY B 66 10.34 8.82 6.96
N SER B 67 11.43 8.59 6.23
CA SER B 67 12.01 7.26 6.09
C SER B 67 13.49 7.39 5.78
N GLY B 68 14.27 6.44 6.27
CA GLY B 68 15.70 6.40 5.99
C GLY B 68 16.52 7.26 6.90
N THR B 69 16.89 8.46 6.43
CA THR B 69 17.78 9.34 7.17
C THR B 69 17.17 10.67 7.58
N ASP B 70 15.95 10.97 7.13
CA ASP B 70 15.32 12.26 7.40
C ASP B 70 13.91 12.03 7.92
N PHE B 71 13.63 12.54 9.12
CA PHE B 71 12.36 12.34 9.78
C PHE B 71 11.84 13.68 10.32
N THR B 72 10.58 13.69 10.72
CA THR B 72 9.92 14.93 11.13
C THR B 72 8.78 14.62 12.08
N LEU B 73 8.78 15.25 13.25
CA LEU B 73 7.66 15.25 14.17
C LEU B 73 6.94 16.59 14.06
N THR B 74 5.62 16.53 13.85
CA THR B 74 4.83 17.74 13.63
C THR B 74 3.70 17.80 14.64
N ILE B 75 3.71 18.85 15.47
CA ILE B 75 2.59 19.17 16.34
C ILE B 75 1.74 20.19 15.60
N SER B 76 0.53 19.78 15.19
CA SER B 76 -0.30 20.62 14.35
C SER B 76 -0.67 21.93 15.05
N SER B 77 -1.26 21.83 16.23
CA SER B 77 -1.66 23.00 17.02
C SER B 77 -0.96 22.93 18.37
N LEU B 78 0.03 23.80 18.56
CA LEU B 78 0.75 23.84 19.83
C LEU B 78 -0.18 24.20 20.97
N GLU B 79 -0.16 23.38 22.02
CA GLU B 79 -0.90 23.61 23.24
C GLU B 79 0.06 24.05 24.34
N PRO B 80 -0.44 24.73 25.38
CA PRO B 80 0.44 25.14 26.49
C PRO B 80 1.13 23.97 27.17
N GLU B 81 0.61 22.75 27.04
CA GLU B 81 1.18 21.58 27.69
C GLU B 81 2.27 20.90 26.89
N ASP B 82 2.42 21.24 25.60
CA ASP B 82 3.37 20.55 24.74
C ASP B 82 4.80 21.04 24.91
N PHE B 83 5.00 22.22 25.48
CA PHE B 83 6.33 22.81 25.53
C PHE B 83 7.27 21.99 26.40
N ALA B 84 8.00 21.07 25.77
CA ALA B 84 8.90 20.18 26.48
C ALA B 84 10.06 19.84 25.54
N ALA B 85 10.94 18.94 25.99
CA ALA B 85 12.02 18.43 25.16
C ALA B 85 11.53 17.23 24.36
N TYR B 86 11.91 17.18 23.09
CA TYR B 86 11.50 16.13 22.18
C TYR B 86 12.73 15.44 21.61
N TYR B 87 12.87 14.15 21.88
CA TYR B 87 14.02 13.36 21.46
C TYR B 87 13.59 12.32 20.42
N CYS B 88 14.45 12.09 19.43
CA CYS B 88 14.29 10.99 18.50
C CYS B 88 15.33 9.92 18.77
N GLN B 89 14.96 8.67 18.51
CA GLN B 89 15.83 7.53 18.77
C GLN B 89 15.74 6.57 17.60
N GLN B 90 16.89 6.13 17.11
CA GLN B 90 16.89 5.12 16.06
C GLN B 90 16.73 3.73 16.68
N ARG B 91 16.07 2.85 15.93
CA ARG B 91 15.92 1.48 16.38
C ARG B 91 16.26 0.46 15.29
N SER B 92 17.12 0.83 14.33
CA SER B 92 17.54 -0.09 13.26
C SER B 92 18.68 -0.98 13.71
N ASN B 93 19.72 -0.40 14.28
CA ASN B 93 20.89 -1.13 14.74
C ASN B 93 21.23 -0.73 16.16
N PHE B 94 21.73 -1.69 16.92
CA PHE B 94 22.28 -1.34 18.23
C PHE B 94 23.65 -0.69 18.07
N PRO B 95 23.95 0.35 18.85
CA PRO B 95 23.17 0.89 19.97
C PRO B 95 22.06 1.85 19.55
N PHE B 96 20.96 1.87 20.29
CA PHE B 96 19.80 2.72 20.00
C PHE B 96 20.12 4.15 20.42
N ILE B 97 20.85 4.85 19.55
CA ILE B 97 21.32 6.20 19.85
C ILE B 97 20.14 7.16 19.94
N PHE B 98 20.21 8.08 20.88
CA PHE B 98 19.23 9.15 21.03
C PHE B 98 19.74 10.41 20.35
N GLY B 99 18.80 11.24 19.89
CA GLY B 99 19.14 12.53 19.32
C GLY B 99 19.50 13.53 20.39
N PRO B 100 20.02 14.69 19.99
CA PRO B 100 20.36 15.72 20.98
C PRO B 100 19.14 16.35 21.64
N GLY B 101 17.97 16.25 21.03
CA GLY B 101 16.76 16.81 21.61
C GLY B 101 16.52 18.25 21.23
N THR B 102 15.25 18.60 21.01
CA THR B 102 14.83 19.96 20.72
C THR B 102 13.89 20.42 21.82
N LYS B 103 14.17 21.58 22.40
CA LYS B 103 13.31 22.16 23.42
C LYS B 103 12.31 23.08 22.74
N VAL B 104 11.03 22.70 22.79
CA VAL B 104 9.95 23.55 22.30
C VAL B 104 9.54 24.46 23.45
N GLU B 105 9.86 25.76 23.34
CA GLU B 105 9.49 26.73 24.35
C GLU B 105 8.39 27.64 23.82
N ILE B 106 7.67 28.28 24.75
CA ILE B 106 6.58 29.16 24.38
C ILE B 106 7.14 30.53 24.03
N LYS B 107 6.89 30.98 22.80
CA LYS B 107 7.40 32.25 22.32
C LYS B 107 6.64 33.41 22.95
N ARG B 108 7.35 34.53 23.12
CA ARG B 108 6.74 35.75 23.66
C ARG B 108 7.58 36.93 23.20
N THR B 109 7.18 38.12 23.66
CA THR B 109 7.88 39.34 23.28
C THR B 109 9.14 39.53 24.12
N VAL B 110 10.03 40.38 23.61
CA VAL B 110 11.31 40.63 24.27
C VAL B 110 11.05 41.38 25.57
N ALA B 111 11.55 40.82 26.68
CA ALA B 111 11.46 41.45 27.99
C ALA B 111 12.86 41.54 28.57
N ALA B 112 13.33 42.76 28.78
CA ALA B 112 14.66 42.96 29.34
C ALA B 112 14.68 42.55 30.81
N PRO B 113 15.81 42.04 31.30
CA PRO B 113 15.89 41.62 32.70
C PRO B 113 16.04 42.81 33.64
N SER B 114 15.48 42.64 34.83
CA SER B 114 15.73 43.56 35.94
C SER B 114 16.92 43.03 36.71
N VAL B 115 17.98 43.85 36.80
CA VAL B 115 19.26 43.42 37.35
C VAL B 115 19.38 43.88 38.79
N PHE B 116 19.87 42.98 39.64
CA PHE B 116 20.07 43.25 41.07
C PHE B 116 21.38 42.63 41.53
N ILE B 117 22.10 43.33 42.39
CA ILE B 117 23.36 42.86 42.92
C ILE B 117 23.28 42.81 44.44
N PHE B 118 23.97 41.83 45.02
CA PHE B 118 23.94 41.58 46.46
C PHE B 118 25.36 41.43 46.96
N PRO B 119 25.85 42.32 47.82
CA PRO B 119 27.15 42.11 48.46
C PRO B 119 27.09 40.99 49.46
N PRO B 120 28.21 40.35 49.77
CA PRO B 120 28.18 39.23 50.72
C PRO B 120 27.72 39.67 52.10
N SER B 121 27.01 38.78 52.78
CA SER B 121 26.54 39.08 54.12
C SER B 121 27.70 39.08 55.11
N ASP B 122 27.52 39.84 56.20
CA ASP B 122 28.53 39.85 57.25
C ASP B 122 28.66 38.50 57.93
N GLU B 123 27.62 37.67 57.86
CA GLU B 123 27.70 36.33 58.41
C GLU B 123 28.67 35.46 57.62
N GLN B 124 28.68 35.61 56.29
CA GLN B 124 29.59 34.82 55.47
C GLN B 124 31.02 35.32 55.52
N LEU B 125 31.20 36.64 55.68
CA LEU B 125 32.56 37.19 55.74
C LEU B 125 33.30 36.68 56.96
N LYS B 126 32.60 36.43 58.07
CA LYS B 126 33.24 35.85 59.25
C LYS B 126 33.70 34.42 58.99
N SER B 127 33.12 33.74 58.00
CA SER B 127 33.56 32.41 57.63
C SER B 127 34.84 32.42 56.82
N GLY B 128 35.23 33.57 56.29
CA GLY B 128 36.39 33.66 55.42
C GLY B 128 36.08 33.61 53.94
N THR B 129 34.82 33.65 53.56
CA THR B 129 34.40 33.61 52.16
C THR B 129 33.46 34.76 51.87
N ALA B 130 33.54 35.28 50.65
CA ALA B 130 32.66 36.34 50.17
C ALA B 130 31.99 35.90 48.89
N SER B 131 30.66 35.99 48.84
CA SER B 131 29.89 35.61 47.67
C SER B 131 29.02 36.79 47.25
N VAL B 132 29.36 37.39 46.12
CA VAL B 132 28.53 38.44 45.52
C VAL B 132 27.61 37.79 44.50
N VAL B 133 26.32 38.09 44.61
CA VAL B 133 25.30 37.47 43.77
C VAL B 133 24.71 38.53 42.83
N CYS B 134 24.53 38.15 41.57
CA CYS B 134 23.96 39.02 40.55
C CYS B 134 22.69 38.36 40.03
N LEU B 135 21.58 39.10 40.08
CA LEU B 135 20.27 38.57 39.74
C LEU B 135 19.75 39.22 38.47
N LEU B 136 19.26 38.40 37.54
CA LEU B 136 18.61 38.85 36.31
C LEU B 136 17.20 38.28 36.32
N ASN B 137 16.21 39.13 36.56
CA ASN B 137 14.86 38.66 36.88
C ASN B 137 13.93 38.84 35.68
N ASN B 138 13.28 37.74 35.29
CA ASN B 138 12.14 37.74 34.37
C ASN B 138 12.48 38.42 33.04
N PHE B 139 13.31 37.74 32.26
CA PHE B 139 13.71 38.21 30.94
C PHE B 139 13.32 37.21 29.87
N TYR B 140 13.43 37.65 28.61
CA TYR B 140 13.19 36.80 27.45
C TYR B 140 13.84 37.48 26.26
N PRO B 141 14.51 36.73 25.36
CA PRO B 141 14.72 35.27 25.38
C PRO B 141 15.72 34.81 26.44
N ARG B 142 16.07 33.52 26.43
CA ARG B 142 16.93 32.98 27.49
C ARG B 142 18.36 33.49 27.38
N GLU B 143 18.84 33.79 26.17
CA GLU B 143 20.22 34.20 25.95
C GLU B 143 20.58 35.46 26.72
N ALA B 144 21.35 35.31 27.80
CA ALA B 144 21.83 36.44 28.58
C ALA B 144 23.30 36.22 28.90
N LYS B 145 23.98 37.32 29.23
CA LYS B 145 25.41 37.31 29.48
C LYS B 145 25.71 38.14 30.73
N VAL B 146 26.50 37.57 31.63
CA VAL B 146 26.82 38.22 32.91
C VAL B 146 28.33 38.31 33.04
N GLN B 147 28.83 39.53 33.20
CA GLN B 147 30.26 39.80 33.25
C GLN B 147 30.62 40.40 34.59
N TRP B 148 31.47 39.71 35.35
CA TRP B 148 31.94 40.20 36.64
C TRP B 148 33.17 41.09 36.45
N LYS B 149 33.11 42.30 36.98
CA LYS B 149 34.24 43.24 36.96
C LYS B 149 34.54 43.66 38.39
N VAL B 150 35.74 43.34 38.86
CA VAL B 150 36.20 43.73 40.19
C VAL B 150 37.31 44.75 40.00
N ASP B 151 37.05 46.01 40.41
CA ASP B 151 37.95 47.12 40.14
C ASP B 151 38.22 47.28 38.65
N ASN B 152 37.16 47.15 37.85
CA ASN B 152 37.22 47.22 36.39
C ASN B 152 38.09 46.12 35.78
N ALA B 153 38.50 45.13 36.57
CA ALA B 153 39.30 44.02 36.07
C ALA B 153 38.38 42.84 35.81
N LEU B 154 38.33 42.40 34.56
CA LEU B 154 37.37 41.37 34.15
C LEU B 154 37.68 40.05 34.83
N GLN B 155 36.65 39.43 35.41
CA GLN B 155 36.80 38.23 36.22
C GLN B 155 36.41 36.99 35.42
N SER B 156 37.19 35.93 35.61
CA SER B 156 36.92 34.65 34.96
C SER B 156 37.57 33.54 35.78
N GLY B 157 36.83 32.45 35.97
CA GLY B 157 37.31 31.30 36.71
C GLY B 157 36.82 31.19 38.13
N ASN B 158 35.93 32.07 38.58
CA ASN B 158 35.44 32.02 39.95
C ASN B 158 33.96 32.34 40.07
N SER B 159 33.20 32.27 38.99
CA SER B 159 31.77 32.56 39.01
C SER B 159 31.00 31.45 38.32
N GLN B 160 29.75 31.28 38.71
CA GLN B 160 28.88 30.27 38.14
C GLN B 160 27.47 30.83 37.97
N GLU B 161 26.80 30.42 36.91
CA GLU B 161 25.46 30.87 36.58
C GLU B 161 24.45 29.76 36.82
N SER B 162 23.18 30.15 36.79
CA SER B 162 22.07 29.21 36.92
C SER B 162 20.83 29.87 36.33
N VAL B 163 20.13 29.16 35.46
CA VAL B 163 18.95 29.68 34.77
C VAL B 163 17.74 28.85 35.19
N THR B 164 16.64 29.53 35.50
CA THR B 164 15.41 28.85 35.88
C THR B 164 14.71 28.30 34.64
N GLU B 165 13.82 27.34 34.89
CA GLU B 165 12.92 26.88 33.84
C GLU B 165 11.95 28.00 33.49
N GLN B 166 11.54 28.03 32.22
CA GLN B 166 10.68 29.09 31.74
C GLN B 166 9.40 29.16 32.56
N ASP B 167 9.11 30.34 33.11
CA ASP B 167 7.96 30.50 33.99
C ASP B 167 6.67 30.19 33.25
N SER B 168 5.80 29.41 33.91
CA SER B 168 4.57 28.94 33.28
C SER B 168 3.51 30.02 33.16
N LYS B 169 3.79 31.26 33.56
CA LYS B 169 2.80 32.33 33.52
C LYS B 169 3.19 33.46 32.59
N ASP B 170 4.36 34.08 32.78
CA ASP B 170 4.82 35.14 31.90
C ASP B 170 5.88 34.68 30.91
N SER B 171 6.19 33.37 30.89
CA SER B 171 7.09 32.77 29.89
C SER B 171 8.47 33.42 29.90
N THR B 172 8.94 33.80 31.08
CA THR B 172 10.23 34.46 31.23
C THR B 172 11.21 33.57 31.96
N TYR B 173 12.50 33.78 31.70
CA TYR B 173 13.57 33.10 32.39
C TYR B 173 14.18 34.03 33.45
N SER B 174 14.91 33.43 34.38
CA SER B 174 15.63 34.17 35.41
C SER B 174 17.02 33.58 35.56
N LEU B 175 17.98 34.45 35.88
CA LEU B 175 19.38 34.05 35.97
C LEU B 175 19.96 34.54 37.29
N SER B 176 20.80 33.70 37.90
CA SER B 176 21.51 34.06 39.13
C SER B 176 22.97 33.62 38.97
N SER B 177 23.87 34.60 38.92
CA SER B 177 25.30 34.36 38.86
C SER B 177 25.92 34.72 40.20
N THR B 178 26.84 33.87 40.66
CA THR B 178 27.44 34.03 41.99
C THR B 178 28.96 34.09 41.84
N LEU B 179 29.53 35.25 42.17
CA LEU B 179 30.96 35.37 42.31
C LEU B 179 31.38 34.90 43.70
N THR B 180 32.52 34.23 43.79
CA THR B 180 32.98 33.65 45.06
C THR B 180 34.45 33.99 45.25
N LEU B 181 34.74 34.85 46.22
CA LEU B 181 36.10 35.21 46.58
C LEU B 181 36.34 34.87 48.05
N SER B 182 37.62 34.72 48.39
CA SER B 182 37.96 34.63 49.80
C SER B 182 37.78 36.00 50.47
N LYS B 183 37.57 35.97 51.78
CA LYS B 183 37.40 37.22 52.53
C LYS B 183 38.63 38.11 52.37
N ALA B 184 39.82 37.53 52.41
CA ALA B 184 41.04 38.31 52.24
C ALA B 184 41.12 38.91 50.84
N ASP B 185 40.84 38.11 49.82
CA ASP B 185 40.83 38.64 48.45
C ASP B 185 39.69 39.61 48.25
N TYR B 186 38.59 39.45 48.98
CA TYR B 186 37.45 40.34 48.83
C TYR B 186 37.77 41.74 49.35
N GLU B 187 38.54 41.85 50.43
CA GLU B 187 38.86 43.13 51.02
C GLU B 187 39.98 43.85 50.29
N LYS B 188 40.61 43.23 49.29
CA LYS B 188 41.63 43.89 48.49
C LYS B 188 41.03 44.85 47.47
N HIS B 189 39.72 44.82 47.25
CA HIS B 189 39.09 45.56 46.17
C HIS B 189 37.88 46.33 46.68
N LYS B 190 37.44 47.29 45.87
CA LYS B 190 36.35 48.19 46.25
C LYS B 190 35.14 48.06 45.33
N VAL B 191 35.32 48.16 44.02
CA VAL B 191 34.20 48.17 43.08
C VAL B 191 33.90 46.74 42.63
N TYR B 192 32.71 46.27 42.95
CA TYR B 192 32.22 44.97 42.53
C TYR B 192 31.00 45.19 41.64
N ALA B 193 31.07 44.70 40.40
CA ALA B 193 30.05 44.96 39.40
C ALA B 193 29.84 43.73 38.53
N CYS B 194 28.59 43.51 38.13
CA CYS B 194 28.24 42.51 37.13
C CYS B 194 27.63 43.23 35.93
N GLU B 195 28.21 43.02 34.76
CA GLU B 195 27.81 43.71 33.54
C GLU B 195 26.95 42.76 32.71
N VAL B 196 25.65 43.06 32.63
CA VAL B 196 24.68 42.22 31.94
C VAL B 196 24.43 42.77 30.55
N THR B 197 24.41 41.89 29.56
CA THR B 197 24.08 42.23 28.18
C THR B 197 22.93 41.35 27.71
N HIS B 198 21.90 41.97 27.16
CA HIS B 198 20.71 41.23 26.73
C HIS B 198 20.10 41.91 25.52
N GLN B 199 19.17 41.19 24.87
CA GLN B 199 18.49 41.73 23.70
C GLN B 199 17.58 42.90 24.06
N GLY B 200 16.95 42.84 25.24
CA GLY B 200 16.09 43.91 25.68
C GLY B 200 16.79 45.15 26.16
N LEU B 201 18.12 45.16 26.16
CA LEU B 201 18.92 46.31 26.57
C LEU B 201 19.72 46.79 25.37
N SER B 202 19.66 48.09 25.10
CA SER B 202 20.35 48.65 23.95
C SER B 202 21.86 48.51 24.04
N SER B 203 22.40 48.26 25.23
CA SER B 203 23.84 48.15 25.45
C SER B 203 24.05 47.63 26.87
N PRO B 204 25.20 47.00 27.15
CA PRO B 204 25.40 46.36 28.48
C PRO B 204 25.07 47.27 29.65
N VAL B 205 24.30 46.72 30.60
CA VAL B 205 23.96 47.40 31.84
C VAL B 205 24.86 46.85 32.94
N THR B 206 25.21 47.71 33.90
CA THR B 206 26.13 47.35 34.97
C THR B 206 25.53 47.74 36.31
N LYS B 207 25.34 46.77 37.19
CA LYS B 207 25.02 47.01 38.59
C LYS B 207 26.28 46.84 39.42
N SER B 208 26.50 47.78 40.35
CA SER B 208 27.74 47.78 41.10
C SER B 208 27.50 48.29 42.52
N PHE B 209 28.46 48.00 43.40
CA PHE B 209 28.50 48.57 44.73
C PHE B 209 29.96 48.75 45.12
N ASN B 210 30.18 49.41 46.25
CA ASN B 210 31.51 49.64 46.80
C ASN B 210 31.60 48.97 48.16
N ARG B 211 32.59 48.09 48.32
CA ARG B 211 32.74 47.33 49.55
C ARG B 211 32.86 48.26 50.75
N GLY B 212 31.99 48.07 51.73
CA GLY B 212 32.00 48.90 52.91
C GLY B 212 31.24 50.21 52.81
N GLU B 213 30.20 50.26 51.99
CA GLU B 213 29.41 51.47 51.83
C GLU B 213 27.91 51.16 51.83
N THR C 7 11.01 -33.76 -19.53
CA THR C 7 11.35 -32.40 -19.89
C THR C 7 10.08 -31.55 -20.06
N ASN C 8 9.89 -30.58 -19.17
CA ASN C 8 8.74 -29.70 -19.19
C ASN C 8 9.20 -28.25 -19.15
N LEU C 9 8.23 -27.33 -19.10
CA LEU C 9 8.50 -25.90 -19.06
C LEU C 9 8.45 -25.38 -17.63
N CYS C 10 9.28 -24.39 -17.35
CA CYS C 10 9.31 -23.80 -16.01
C CYS C 10 8.07 -22.94 -15.81
N PRO C 11 7.21 -23.27 -14.85
CA PRO C 11 5.96 -22.52 -14.64
C PRO C 11 6.13 -21.27 -13.78
N PHE C 12 7.12 -20.45 -14.12
CA PHE C 12 7.35 -19.22 -13.38
C PHE C 12 6.18 -18.25 -13.52
N GLY C 13 5.32 -18.43 -14.53
CA GLY C 13 4.16 -17.58 -14.66
C GLY C 13 3.20 -17.69 -13.50
N GLU C 14 3.15 -18.86 -12.86
CA GLU C 14 2.31 -19.03 -11.68
C GLU C 14 2.81 -18.22 -10.49
N VAL C 15 4.07 -17.79 -10.51
CA VAL C 15 4.67 -17.09 -9.37
C VAL C 15 4.54 -15.58 -9.55
N PHE C 16 5.10 -15.06 -10.65
CA PHE C 16 5.11 -13.62 -10.88
C PHE C 16 3.73 -13.08 -11.23
N ASN C 17 2.99 -13.79 -12.08
CA ASN C 17 1.71 -13.35 -12.62
C ASN C 17 0.53 -13.79 -11.77
N ALA C 18 0.77 -14.29 -10.56
CA ALA C 18 -0.31 -14.74 -9.70
C ALA C 18 -1.24 -13.59 -9.36
N THR C 19 -2.54 -13.89 -9.34
CA THR C 19 -3.53 -12.84 -9.09
C THR C 19 -3.40 -12.29 -7.67
N ARG C 20 -3.12 -13.16 -6.70
CA ARG C 20 -2.96 -12.77 -5.31
C ARG C 20 -1.65 -13.33 -4.76
N PHE C 21 -0.94 -12.51 -4.00
CA PHE C 21 0.30 -12.89 -3.34
C PHE C 21 0.04 -13.17 -1.86
N ALA C 22 0.93 -13.96 -1.26
CA ALA C 22 0.79 -14.32 0.13
C ALA C 22 1.31 -13.22 1.04
N SER C 23 0.82 -13.19 2.27
CA SER C 23 1.41 -12.34 3.29
C SER C 23 2.82 -12.82 3.61
N VAL C 24 3.63 -11.91 4.12
CA VAL C 24 5.06 -12.23 4.28
C VAL C 24 5.27 -13.24 5.41
N TYR C 25 4.43 -13.22 6.44
CA TYR C 25 4.59 -14.20 7.51
C TYR C 25 4.23 -15.61 7.04
N ALA C 26 3.39 -15.72 6.01
CA ALA C 26 3.06 -17.00 5.40
C ALA C 26 3.50 -17.01 3.95
N TRP C 27 4.77 -16.70 3.71
CA TRP C 27 5.28 -16.60 2.35
C TRP C 27 5.14 -17.93 1.60
N ASN C 28 4.73 -17.84 0.35
CA ASN C 28 4.56 -19.03 -0.47
C ASN C 28 5.90 -19.49 -1.05
N ARG C 29 5.98 -20.79 -1.32
CA ARG C 29 7.19 -21.40 -1.86
C ARG C 29 6.81 -22.41 -2.93
N LYS C 30 7.21 -22.14 -4.17
CA LYS C 30 6.96 -23.03 -5.28
C LYS C 30 8.24 -23.79 -5.61
N ARG C 31 8.21 -25.10 -5.42
CA ARG C 31 9.34 -25.96 -5.72
C ARG C 31 9.29 -26.38 -7.19
N ILE C 32 10.42 -26.27 -7.87
CA ILE C 32 10.53 -26.57 -9.29
C ILE C 32 11.60 -27.65 -9.47
N SER C 33 11.42 -28.47 -10.51
CA SER C 33 12.12 -29.76 -10.59
C SER C 33 12.94 -29.92 -11.86
N ASN C 34 12.32 -30.20 -13.01
CA ASN C 34 13.06 -30.65 -14.19
C ASN C 34 12.65 -29.87 -15.44
N CYS C 35 12.53 -28.56 -15.33
CA CYS C 35 12.00 -27.74 -16.39
C CYS C 35 13.13 -26.98 -17.10
N VAL C 36 12.76 -26.06 -17.97
CA VAL C 36 13.70 -25.20 -18.68
C VAL C 36 13.05 -23.83 -18.84
N ALA C 37 13.86 -22.78 -18.72
CA ALA C 37 13.32 -21.42 -18.75
C ALA C 37 14.24 -20.52 -19.57
N ASP C 38 13.63 -19.60 -20.32
CA ASP C 38 14.38 -18.58 -21.04
C ASP C 38 14.61 -17.41 -20.09
N TYR C 39 15.63 -17.57 -19.24
CA TYR C 39 15.93 -16.56 -18.25
C TYR C 39 16.35 -15.24 -18.89
N SER C 40 16.75 -15.25 -20.16
CA SER C 40 17.02 -14.00 -20.86
C SER C 40 15.77 -13.18 -21.10
N VAL C 41 14.58 -13.72 -20.79
CA VAL C 41 13.34 -12.94 -20.79
C VAL C 41 13.14 -12.21 -19.47
N LEU C 42 13.91 -12.54 -18.44
CA LEU C 42 13.64 -12.04 -17.09
C LEU C 42 14.39 -10.73 -16.80
N TYR C 43 15.72 -10.73 -16.95
CA TYR C 43 16.51 -9.60 -16.46
C TYR C 43 16.18 -8.31 -17.20
N ASN C 44 15.83 -8.40 -18.48
CA ASN C 44 15.58 -7.22 -19.29
C ASN C 44 14.13 -6.75 -19.23
N SER C 45 13.33 -7.34 -18.35
CA SER C 45 11.96 -6.90 -18.15
C SER C 45 11.96 -5.63 -17.31
N ALA C 46 11.43 -4.54 -17.86
CA ALA C 46 11.36 -3.28 -17.13
C ALA C 46 10.31 -3.30 -16.03
N SER C 47 9.58 -4.40 -15.86
CA SER C 47 8.57 -4.47 -14.81
C SER C 47 9.18 -4.55 -13.42
N PHE C 48 10.46 -4.89 -13.30
CA PHE C 48 11.11 -5.13 -12.01
C PHE C 48 11.94 -3.92 -11.62
N SER C 49 11.71 -3.42 -10.41
CA SER C 49 12.48 -2.30 -9.88
C SER C 49 13.71 -2.76 -9.10
N THR C 50 13.63 -3.92 -8.47
CA THR C 50 14.75 -4.50 -7.73
C THR C 50 15.09 -5.85 -8.35
N PHE C 51 16.37 -6.03 -8.73
CA PHE C 51 16.81 -7.27 -9.37
C PHE C 51 18.26 -7.51 -8.95
N LYS C 52 18.43 -8.04 -7.75
CA LYS C 52 19.73 -8.32 -7.17
C LYS C 52 19.93 -9.82 -7.07
N CYS C 53 21.04 -10.32 -7.62
CA CYS C 53 21.40 -11.73 -7.56
C CYS C 53 22.68 -11.91 -6.75
N TYR C 54 22.71 -12.92 -5.89
CA TYR C 54 23.81 -13.18 -4.98
C TYR C 54 24.42 -14.54 -5.29
N GLY C 55 25.74 -14.63 -5.19
CA GLY C 55 26.49 -15.80 -5.59
C GLY C 55 26.36 -16.23 -7.04
N VAL C 56 25.65 -15.47 -7.88
CA VAL C 56 25.47 -15.81 -9.30
C VAL C 56 25.06 -14.53 -10.01
N SER C 57 25.46 -14.42 -11.28
CA SER C 57 25.08 -13.21 -11.99
C SER C 57 23.79 -13.43 -12.77
N PRO C 58 22.99 -12.37 -13.00
CA PRO C 58 21.70 -12.55 -13.69
C PRO C 58 21.87 -12.78 -15.18
N THR C 59 22.83 -12.10 -15.80
CA THR C 59 22.98 -12.20 -17.24
C THR C 59 23.48 -13.58 -17.66
N LYS C 60 24.33 -14.19 -16.84
CA LYS C 60 24.88 -15.51 -17.12
C LYS C 60 23.98 -16.64 -16.60
N LEU C 61 22.72 -16.35 -16.27
CA LEU C 61 21.84 -17.35 -15.67
C LEU C 61 21.34 -18.37 -16.69
N ASN C 62 21.32 -18.02 -17.98
CA ASN C 62 20.78 -18.90 -19.01
C ASN C 62 21.67 -20.12 -19.30
N ASP C 63 22.42 -20.60 -18.30
CA ASP C 63 23.40 -21.65 -18.56
C ASP C 63 23.41 -22.74 -17.48
N LEU C 64 23.43 -22.34 -16.21
CA LEU C 64 23.64 -23.28 -15.13
C LEU C 64 22.47 -24.27 -15.02
N CYS C 65 22.69 -25.32 -14.24
CA CYS C 65 21.68 -26.34 -13.99
C CYS C 65 21.73 -26.73 -12.51
N PHE C 66 20.67 -27.38 -12.06
CA PHE C 66 20.51 -27.73 -10.65
C PHE C 66 19.38 -28.74 -10.55
N THR C 67 19.14 -29.24 -9.33
CA THR C 67 18.08 -30.20 -9.09
C THR C 67 16.73 -29.52 -8.86
N ASN C 68 16.70 -28.50 -8.02
CA ASN C 68 15.47 -27.79 -7.70
C ASN C 68 15.77 -26.31 -7.49
N VAL C 69 14.93 -25.46 -8.07
CA VAL C 69 14.96 -24.02 -7.82
C VAL C 69 13.71 -23.66 -7.04
N TYR C 70 13.86 -22.81 -6.03
CA TYR C 70 12.76 -22.43 -5.16
C TYR C 70 12.38 -20.98 -5.41
N ALA C 71 11.10 -20.75 -5.67
CA ALA C 71 10.57 -19.41 -5.94
C ALA C 71 9.65 -19.04 -4.79
N ASP C 72 10.16 -18.22 -3.87
CA ASP C 72 9.39 -17.76 -2.73
C ASP C 72 8.79 -16.39 -3.05
N SER C 73 7.49 -16.22 -2.79
CA SER C 73 6.79 -14.98 -3.07
C SER C 73 5.99 -14.53 -1.86
N PHE C 74 5.92 -13.22 -1.69
CA PHE C 74 5.19 -12.59 -0.59
C PHE C 74 5.04 -11.11 -0.92
N VAL C 75 4.47 -10.35 0.02
CA VAL C 75 4.28 -8.91 -0.16
C VAL C 75 4.75 -8.20 1.11
N ILE C 76 5.65 -7.23 0.94
CA ILE C 76 6.08 -6.32 1.98
C ILE C 76 6.00 -4.90 1.41
N ARG C 77 6.11 -3.92 2.29
CA ARG C 77 6.14 -2.54 1.85
C ARG C 77 7.51 -2.21 1.24
N GLY C 78 7.58 -1.06 0.57
CA GLY C 78 8.79 -0.71 -0.15
C GLY C 78 9.99 -0.52 0.75
N ASP C 79 9.78 0.02 1.95
CA ASP C 79 10.89 0.23 2.87
C ASP C 79 11.59 -1.08 3.24
N GLU C 80 10.84 -2.17 3.32
CA GLU C 80 11.36 -3.43 3.81
C GLU C 80 11.98 -4.29 2.71
N VAL C 81 12.06 -3.80 1.48
CA VAL C 81 12.63 -4.60 0.41
C VAL C 81 14.12 -4.78 0.61
N ARG C 82 14.79 -3.81 1.24
CA ARG C 82 16.21 -3.94 1.52
C ARG C 82 16.51 -5.05 2.53
N GLN C 83 15.51 -5.46 3.31
CA GLN C 83 15.71 -6.54 4.27
C GLN C 83 15.71 -7.92 3.61
N ILE C 84 15.14 -8.04 2.42
CA ILE C 84 15.22 -9.28 1.66
C ILE C 84 16.59 -9.35 1.01
N ALA C 85 17.59 -9.75 1.80
CA ALA C 85 18.99 -9.79 1.39
C ALA C 85 19.77 -10.49 2.48
N PRO C 86 20.94 -11.07 2.13
CA PRO C 86 21.74 -11.76 3.15
C PRO C 86 22.24 -10.79 4.22
N GLY C 87 22.33 -11.30 5.45
CA GLY C 87 22.88 -10.52 6.55
C GLY C 87 22.14 -9.25 6.86
N GLN C 88 20.81 -9.30 6.87
CA GLN C 88 19.98 -8.13 7.13
C GLN C 88 19.12 -8.35 8.36
N THR C 89 18.64 -7.25 8.93
CA THR C 89 17.82 -7.29 10.13
C THR C 89 16.63 -6.34 9.97
N GLY C 90 15.62 -6.55 10.80
CA GLY C 90 14.39 -5.78 10.74
C GLY C 90 13.18 -6.63 11.07
N LYS C 91 11.98 -6.05 11.05
CA LYS C 91 10.77 -6.83 11.30
C LYS C 91 10.67 -8.00 10.35
N ILE C 92 10.95 -7.77 9.06
CA ILE C 92 10.80 -8.82 8.06
C ILE C 92 11.91 -9.85 8.20
N ALA C 93 13.16 -9.38 8.30
CA ALA C 93 14.29 -10.30 8.30
C ALA C 93 14.36 -11.12 9.58
N ASP C 94 13.86 -10.59 10.70
CA ASP C 94 13.95 -11.29 11.97
C ASP C 94 12.76 -12.22 12.22
N TYR C 95 11.56 -11.84 11.78
CA TYR C 95 10.35 -12.55 12.17
C TYR C 95 9.46 -12.98 11.01
N ASN C 96 9.89 -12.79 9.76
CA ASN C 96 9.02 -13.09 8.63
C ASN C 96 9.73 -13.89 7.55
N TYR C 97 10.71 -13.28 6.88
CA TYR C 97 11.45 -13.95 5.82
C TYR C 97 12.93 -13.63 5.99
N LYS C 98 13.74 -14.66 6.23
CA LYS C 98 15.16 -14.50 6.51
C LYS C 98 15.95 -15.26 5.44
N LEU C 99 16.83 -14.53 4.74
CA LEU C 99 17.74 -15.14 3.77
C LEU C 99 19.06 -15.49 4.44
N PRO C 100 19.65 -16.63 4.09
CA PRO C 100 20.92 -17.04 4.71
C PRO C 100 22.04 -16.08 4.33
N ASP C 101 23.14 -16.18 5.09
CA ASP C 101 24.29 -15.32 4.81
C ASP C 101 24.99 -15.74 3.53
N ASP C 102 25.10 -17.03 3.27
CA ASP C 102 25.71 -17.55 2.05
C ASP C 102 24.68 -17.80 0.96
N PHE C 103 23.69 -16.92 0.84
CA PHE C 103 22.61 -17.10 -0.11
C PHE C 103 23.13 -17.09 -1.55
N THR C 104 22.61 -18.00 -2.37
CA THR C 104 22.95 -18.09 -3.79
C THR C 104 21.65 -18.07 -4.59
N GLY C 105 21.32 -16.91 -5.13
CA GLY C 105 20.09 -16.75 -5.89
C GLY C 105 19.82 -15.29 -6.18
N CYS C 106 18.57 -14.99 -6.50
CA CYS C 106 18.18 -13.65 -6.91
C CYS C 106 17.02 -13.14 -6.08
N VAL C 107 16.93 -11.82 -5.97
CA VAL C 107 15.88 -11.14 -5.23
C VAL C 107 15.22 -10.14 -6.18
N ILE C 108 13.97 -10.43 -6.56
CA ILE C 108 13.22 -9.62 -7.51
C ILE C 108 12.02 -9.03 -6.80
N ALA C 109 11.76 -7.74 -7.04
CA ALA C 109 10.64 -7.06 -6.41
C ALA C 109 10.16 -5.94 -7.32
N TRP C 110 8.88 -5.63 -7.22
CA TRP C 110 8.28 -4.57 -8.02
C TRP C 110 7.13 -3.94 -7.26
N ASN C 111 6.89 -2.66 -7.55
CA ASN C 111 5.78 -1.94 -6.95
C ASN C 111 4.46 -2.53 -7.40
N SER C 112 3.57 -2.79 -6.44
CA SER C 112 2.24 -3.34 -6.73
C SER C 112 1.15 -2.48 -6.10
N ASN C 113 1.38 -1.17 -6.03
CA ASN C 113 0.37 -0.26 -5.49
C ASN C 113 -0.91 -0.33 -6.32
N ASN C 114 -0.79 -0.43 -7.64
CA ASN C 114 -1.95 -0.55 -8.50
C ASN C 114 -2.69 -1.87 -8.33
N LEU C 115 -2.11 -2.84 -7.62
CA LEU C 115 -2.69 -4.16 -7.45
C LEU C 115 -3.12 -4.47 -6.03
N ASP C 116 -2.31 -4.09 -5.04
CA ASP C 116 -2.52 -4.53 -3.66
C ASP C 116 -3.02 -3.43 -2.73
N SER C 117 -3.28 -2.23 -3.25
CA SER C 117 -3.82 -1.14 -2.44
CA SER C 117 -3.82 -1.14 -2.44
C SER C 117 -5.30 -0.96 -2.73
N LYS C 118 -6.04 -0.54 -1.70
CA LYS C 118 -7.46 -0.29 -1.81
C LYS C 118 -7.78 1.07 -1.18
N VAL C 119 -8.72 1.79 -1.81
CA VAL C 119 -9.22 3.01 -1.19
C VAL C 119 -9.82 2.67 0.16
N GLY C 120 -9.37 3.38 1.20
CA GLY C 120 -9.76 3.06 2.56
C GLY C 120 -8.85 2.06 3.24
N GLY C 121 -8.00 1.37 2.50
CA GLY C 121 -7.05 0.45 3.10
C GLY C 121 -7.29 -1.01 2.78
N ASN C 122 -6.22 -1.71 2.40
CA ASN C 122 -6.24 -3.15 2.17
C ASN C 122 -5.50 -3.80 3.33
N TYR C 123 -6.24 -4.48 4.21
CA TYR C 123 -5.67 -5.08 5.41
C TYR C 123 -5.58 -6.60 5.30
N ASN C 124 -5.64 -7.15 4.09
CA ASN C 124 -5.49 -8.59 3.92
C ASN C 124 -4.04 -9.04 4.11
N TYR C 125 -3.08 -8.21 3.71
CA TYR C 125 -1.67 -8.54 3.89
C TYR C 125 -1.26 -8.27 5.33
N ARG C 126 -0.59 -9.25 5.94
CA ARG C 126 -0.19 -9.17 7.33
C ARG C 126 1.30 -9.51 7.45
N TYR C 127 1.84 -9.30 8.64
CA TYR C 127 3.24 -9.54 8.91
C TYR C 127 3.42 -9.76 10.41
N ARG C 128 4.35 -10.63 10.77
CA ARG C 128 4.54 -10.96 12.17
C ARG C 128 5.22 -9.80 12.90
N LEU C 129 4.62 -9.40 14.03
CA LEU C 129 5.16 -8.30 14.81
C LEU C 129 6.34 -8.74 15.67
N PHE C 130 6.06 -9.52 16.71
CA PHE C 130 7.08 -10.01 17.63
C PHE C 130 7.24 -11.51 17.47
N ARG C 131 8.36 -12.03 17.97
CA ARG C 131 8.62 -13.45 17.91
C ARG C 131 9.50 -13.87 19.08
N LYS C 132 9.43 -15.16 19.41
CA LYS C 132 10.23 -15.70 20.50
C LYS C 132 11.71 -15.61 20.19
N SER C 133 12.08 -15.84 18.94
CA SER C 133 13.47 -15.72 18.52
C SER C 133 13.49 -15.37 17.04
N ASN C 134 14.62 -14.85 16.58
CA ASN C 134 14.78 -14.54 15.16
C ASN C 134 14.59 -15.80 14.33
N LEU C 135 14.10 -15.62 13.10
CA LEU C 135 13.81 -16.74 12.23
C LEU C 135 15.08 -17.31 11.63
N LYS C 136 15.17 -18.64 11.65
CA LYS C 136 16.21 -19.31 10.89
C LYS C 136 16.01 -19.03 9.41
N PRO C 137 17.08 -19.06 8.61
CA PRO C 137 16.91 -18.84 7.16
C PRO C 137 15.93 -19.85 6.56
N PHE C 138 15.02 -19.34 5.73
CA PHE C 138 14.01 -20.14 5.04
C PHE C 138 13.06 -20.84 6.01
N GLU C 139 12.86 -20.26 7.19
CA GLU C 139 11.87 -20.75 8.14
C GLU C 139 10.55 -20.00 7.96
N ARG C 140 9.45 -20.72 8.16
CA ARG C 140 8.12 -20.14 8.03
C ARG C 140 7.34 -20.37 9.32
N ASP C 141 7.05 -19.28 10.03
CA ASP C 141 6.25 -19.31 11.25
C ASP C 141 4.88 -18.74 10.94
N ILE C 142 3.85 -19.59 11.05
CA ILE C 142 2.49 -19.20 10.74
C ILE C 142 1.56 -19.29 11.95
N SER C 143 2.12 -19.46 13.15
CA SER C 143 1.31 -19.54 14.35
C SER C 143 0.71 -18.18 14.69
N THR C 144 -0.53 -18.19 15.17
CA THR C 144 -1.24 -16.98 15.57
C THR C 144 -1.58 -17.03 17.06
N GLU C 145 -0.80 -17.77 17.84
CA GLU C 145 -1.08 -17.98 19.25
C GLU C 145 -1.00 -16.66 20.01
N ILE C 146 -2.06 -16.34 20.75
CA ILE C 146 -2.06 -15.17 21.61
C ILE C 146 -0.97 -15.33 22.66
N TYR C 147 -0.27 -14.24 22.96
CA TYR C 147 0.82 -14.29 23.92
C TYR C 147 0.29 -13.93 25.31
N GLN C 148 0.32 -14.92 26.21
CA GLN C 148 -0.04 -14.71 27.62
C GLN C 148 1.09 -13.90 28.26
N ALA C 149 1.05 -12.58 28.04
CA ALA C 149 2.08 -11.69 28.55
C ALA C 149 1.92 -11.38 30.03
N GLY C 150 0.73 -11.60 30.60
CA GLY C 150 0.50 -11.34 32.00
C GLY C 150 0.04 -12.59 32.72
N SER C 151 0.00 -12.49 34.06
CA SER C 151 -0.37 -13.64 34.89
C SER C 151 -1.75 -14.17 34.50
N LYS C 152 -2.69 -13.29 34.20
CA LYS C 152 -4.03 -13.72 33.83
C LYS C 152 -3.99 -14.48 32.51
N PRO C 153 -4.69 -15.62 32.42
CA PRO C 153 -4.66 -16.42 31.19
C PRO C 153 -5.62 -15.87 30.14
N CYS C 154 -5.13 -15.69 28.91
CA CYS C 154 -6.01 -15.25 27.83
C CYS C 154 -6.92 -16.37 27.37
N ASN C 155 -6.34 -17.56 27.13
CA ASN C 155 -7.05 -18.68 26.54
C ASN C 155 -7.71 -18.29 25.23
N GLY C 156 -6.90 -17.72 24.33
CA GLY C 156 -7.39 -17.21 23.07
C GLY C 156 -8.13 -15.89 23.16
N VAL C 157 -8.46 -15.42 24.35
CA VAL C 157 -9.19 -14.17 24.53
C VAL C 157 -8.17 -13.03 24.58
N GLU C 158 -8.11 -12.23 23.52
CA GLU C 158 -7.24 -11.07 23.49
C GLU C 158 -7.53 -10.14 24.66
N GLY C 159 -6.52 -9.37 25.05
CA GLY C 159 -6.73 -8.49 26.17
C GLY C 159 -5.54 -7.68 26.67
N PHE C 160 -5.47 -7.55 27.99
CA PHE C 160 -4.63 -6.56 28.62
C PHE C 160 -3.15 -6.86 28.40
N ASN C 161 -2.72 -8.04 28.82
CA ASN C 161 -1.39 -8.54 28.47
C ASN C 161 -1.55 -9.79 27.59
N CYS C 162 -2.25 -9.62 26.46
CA CYS C 162 -2.70 -10.71 25.57
C CYS C 162 -2.71 -10.13 24.17
N TYR C 163 -1.57 -10.16 23.50
CA TYR C 163 -1.42 -9.55 22.18
C TYR C 163 -1.61 -10.60 21.09
N PHE C 164 -1.98 -10.10 19.91
CA PHE C 164 -2.07 -10.90 18.69
C PHE C 164 -0.78 -10.75 17.91
N PRO C 165 -0.07 -11.84 17.59
CA PRO C 165 1.29 -11.70 17.05
C PRO C 165 1.37 -11.05 15.68
N LEU C 166 0.26 -10.89 14.96
CA LEU C 166 0.28 -10.35 13.61
C LEU C 166 -0.40 -8.98 13.55
N GLN C 167 0.04 -8.17 12.59
CA GLN C 167 -0.56 -6.88 12.29
C GLN C 167 -0.77 -6.77 10.80
N SER C 168 -1.79 -6.01 10.41
CA SER C 168 -2.11 -5.81 9.00
C SER C 168 -1.37 -4.60 8.45
N TYR C 169 -0.91 -4.72 7.20
CA TYR C 169 -0.48 -3.54 6.47
C TYR C 169 -1.67 -2.66 6.16
N GLY C 170 -1.44 -1.35 6.10
CA GLY C 170 -2.50 -0.41 5.77
C GLY C 170 -2.37 0.13 4.36
N PHE C 171 -2.41 -0.77 3.38
CA PHE C 171 -2.11 -0.41 2.00
C PHE C 171 -3.22 0.46 1.42
N GLN C 172 -2.97 1.77 1.36
CA GLN C 172 -3.79 2.75 0.69
C GLN C 172 -3.05 3.32 -0.51
N PRO C 173 -3.77 3.70 -1.58
CA PRO C 173 -3.09 4.20 -2.78
C PRO C 173 -2.31 5.49 -2.54
N THR C 174 -2.75 6.33 -1.60
CA THR C 174 -2.12 7.62 -1.36
C THR C 174 -0.93 7.53 -0.41
N ASN C 175 -0.50 6.33 -0.03
CA ASN C 175 0.64 6.20 0.86
C ASN C 175 1.93 6.62 0.15
N GLY C 176 2.98 6.86 0.94
CA GLY C 176 4.29 7.07 0.38
C GLY C 176 4.87 5.79 -0.19
N VAL C 177 5.83 5.95 -1.10
CA VAL C 177 6.40 4.80 -1.79
C VAL C 177 7.09 3.86 -0.81
N GLY C 178 7.58 4.39 0.32
CA GLY C 178 8.12 3.53 1.35
C GLY C 178 7.07 2.73 2.09
N TYR C 179 5.82 3.18 2.05
CA TYR C 179 4.71 2.48 2.69
C TYR C 179 3.76 1.84 1.68
N GLN C 180 4.15 1.79 0.37
CA GLN C 180 3.39 1.14 -0.67
C GLN C 180 3.74 -0.34 -0.78
N PRO C 181 2.80 -1.19 -1.18
CA PRO C 181 3.09 -2.62 -1.26
C PRO C 181 4.02 -2.94 -2.42
N TYR C 182 4.93 -3.89 -2.17
CA TYR C 182 5.83 -4.41 -3.19
C TYR C 182 5.74 -5.92 -3.19
N ARG C 183 5.66 -6.50 -4.39
CA ARG C 183 5.63 -7.95 -4.54
C ARG C 183 7.05 -8.47 -4.77
N VAL C 184 7.46 -9.43 -3.95
CA VAL C 184 8.82 -9.93 -3.95
C VAL C 184 8.82 -11.39 -4.38
N VAL C 185 9.84 -11.78 -5.13
CA VAL C 185 10.04 -13.17 -5.55
C VAL C 185 11.50 -13.52 -5.35
N VAL C 186 11.78 -14.51 -4.51
CA VAL C 186 13.14 -14.90 -4.16
C VAL C 186 13.46 -16.22 -4.83
N LEU C 187 14.41 -16.21 -5.75
CA LEU C 187 14.86 -17.42 -6.42
C LEU C 187 16.08 -17.98 -5.69
N SER C 188 15.99 -19.23 -5.26
CA SER C 188 17.10 -19.93 -4.62
C SER C 188 17.28 -21.29 -5.28
N PHE C 189 18.54 -21.72 -5.36
CA PHE C 189 18.91 -22.89 -6.15
C PHE C 189 19.44 -24.00 -5.24
N GLU C 190 19.51 -25.20 -5.81
CA GLU C 190 19.83 -26.40 -5.04
C GLU C 190 20.59 -27.38 -5.93
N LEU C 191 21.82 -27.68 -5.55
CA LEU C 191 22.66 -28.60 -6.32
C LEU C 191 22.93 -29.90 -5.56
N THR C 197 18.81 -30.90 -14.35
CA THR C 197 17.41 -30.98 -14.74
C THR C 197 16.90 -29.64 -15.27
N VAL C 198 17.01 -28.60 -14.45
CA VAL C 198 16.61 -27.25 -14.85
C VAL C 198 17.82 -26.55 -15.45
N CYS C 199 17.82 -26.38 -16.77
CA CYS C 199 18.88 -25.65 -17.45
C CYS C 199 18.28 -24.48 -18.21
N GLY C 200 19.17 -23.71 -18.85
CA GLY C 200 18.76 -22.52 -19.59
C GLY C 200 18.61 -22.80 -21.08
N LYS C 201 18.03 -21.82 -21.77
CA LYS C 201 17.83 -21.90 -23.21
C LYS C 201 17.68 -20.52 -23.83
N ALA D 1 -9.13 -37.89 -20.91
CA ALA D 1 -8.64 -36.53 -20.74
C ALA D 1 -9.53 -35.73 -19.81
N ILE D 2 -9.11 -34.52 -19.46
CA ILE D 2 -9.91 -33.66 -18.61
C ILE D 2 -11.14 -33.18 -19.38
N ARG D 3 -12.27 -33.12 -18.70
CA ARG D 3 -13.54 -32.72 -19.30
C ARG D 3 -14.11 -31.54 -18.52
N MET D 4 -14.40 -30.46 -19.22
CA MET D 4 -14.95 -29.25 -18.61
C MET D 4 -16.44 -29.17 -18.90
N THR D 5 -17.24 -29.12 -17.85
CA THR D 5 -18.69 -29.04 -17.96
C THR D 5 -19.17 -27.79 -17.24
N GLN D 6 -19.93 -26.96 -17.94
CA GLN D 6 -20.46 -25.73 -17.39
C GLN D 6 -21.94 -25.88 -17.05
N SER D 7 -22.38 -25.11 -16.06
CA SER D 7 -23.76 -25.13 -15.62
C SER D 7 -24.15 -23.69 -15.29
N PRO D 8 -25.33 -23.23 -15.74
CA PRO D 8 -26.31 -23.95 -16.55
C PRO D 8 -26.01 -23.90 -18.04
N GLY D 9 -26.72 -24.67 -18.86
CA GLY D 9 -26.58 -24.53 -20.30
C GLY D 9 -27.07 -23.19 -20.82
N THR D 10 -28.10 -22.64 -20.17
CA THR D 10 -28.62 -21.32 -20.50
C THR D 10 -29.02 -20.62 -19.21
N LEU D 11 -28.53 -19.39 -19.04
CA LEU D 11 -28.87 -18.57 -17.89
C LEU D 11 -29.71 -17.40 -18.37
N SER D 12 -30.90 -17.25 -17.80
CA SER D 12 -31.88 -16.28 -18.26
C SER D 12 -32.22 -15.33 -17.11
N LEU D 13 -31.79 -14.07 -17.23
CA LEU D 13 -31.94 -13.11 -16.15
C LEU D 13 -32.27 -11.73 -16.72
N SER D 14 -32.86 -10.90 -15.87
CA SER D 14 -33.13 -9.51 -16.21
C SER D 14 -31.89 -8.66 -15.97
N PRO D 15 -31.82 -7.47 -16.58
CA PRO D 15 -30.68 -6.59 -16.32
C PRO D 15 -30.65 -6.16 -14.87
N GLY D 16 -29.45 -6.13 -14.29
CA GLY D 16 -29.25 -5.76 -12.91
C GLY D 16 -29.11 -6.92 -11.95
N GLU D 17 -29.55 -8.12 -12.34
CA GLU D 17 -29.46 -9.27 -11.47
C GLU D 17 -28.02 -9.81 -11.46
N ARG D 18 -27.82 -10.88 -10.69
CA ARG D 18 -26.52 -11.49 -10.48
C ARG D 18 -26.45 -12.83 -11.20
N ALA D 19 -25.45 -13.00 -12.05
CA ALA D 19 -25.26 -14.22 -12.82
C ALA D 19 -24.14 -15.04 -12.19
N THR D 20 -24.44 -16.28 -11.84
CA THR D 20 -23.49 -17.20 -11.21
C THR D 20 -23.26 -18.37 -12.16
N LEU D 21 -22.23 -18.26 -12.98
CA LEU D 21 -21.89 -19.32 -13.94
C LEU D 21 -20.89 -20.28 -13.31
N SER D 22 -21.09 -21.57 -13.59
CA SER D 22 -20.29 -22.63 -13.00
C SER D 22 -19.47 -23.35 -14.06
N CYS D 23 -18.41 -24.00 -13.61
CA CYS D 23 -17.53 -24.78 -14.48
C CYS D 23 -16.95 -25.91 -13.65
N ARG D 24 -17.45 -27.13 -13.88
CA ARG D 24 -17.05 -28.31 -13.12
C ARG D 24 -16.01 -29.10 -13.89
N ALA D 25 -14.91 -29.47 -13.23
CA ALA D 25 -13.83 -30.22 -13.82
C ALA D 25 -13.86 -31.66 -13.33
N SER D 26 -13.62 -32.60 -14.25
CA SER D 26 -13.62 -34.01 -13.91
C SER D 26 -12.47 -34.40 -13.00
N GLN D 27 -11.39 -33.62 -13.00
CA GLN D 27 -10.25 -33.84 -12.12
C GLN D 27 -9.93 -32.54 -11.40
N SER D 28 -9.05 -32.64 -10.40
CA SER D 28 -8.52 -31.45 -9.76
C SER D 28 -7.59 -30.71 -10.73
N VAL D 29 -7.86 -29.42 -10.94
CA VAL D 29 -7.09 -28.58 -11.84
C VAL D 29 -6.50 -27.44 -11.03
N SER D 30 -5.24 -27.10 -11.33
CA SER D 30 -4.61 -25.95 -10.69
C SER D 30 -5.41 -24.69 -10.99
N SER D 31 -5.71 -23.92 -9.95
CA SER D 31 -6.48 -22.69 -10.13
C SER D 31 -5.70 -21.64 -10.90
N SER D 32 -4.38 -21.78 -11.02
CA SER D 32 -3.61 -20.83 -11.81
C SER D 32 -3.82 -20.99 -13.30
N TYR D 33 -4.56 -22.00 -13.73
CA TYR D 33 -4.72 -22.35 -15.14
C TYR D 33 -6.19 -22.53 -15.48
N LEU D 34 -7.02 -21.55 -15.14
CA LEU D 34 -8.42 -21.54 -15.56
C LEU D 34 -8.77 -20.16 -16.06
N ALA D 35 -9.28 -20.10 -17.29
CA ALA D 35 -9.68 -18.85 -17.92
C ALA D 35 -11.17 -18.85 -18.20
N TRP D 36 -11.73 -17.65 -18.32
CA TRP D 36 -13.12 -17.45 -18.69
C TRP D 36 -13.19 -16.53 -19.90
N TYR D 37 -13.94 -16.94 -20.92
CA TYR D 37 -14.08 -16.17 -22.14
C TYR D 37 -15.52 -15.70 -22.31
N GLN D 38 -15.66 -14.55 -22.94
CA GLN D 38 -16.95 -14.02 -23.35
C GLN D 38 -16.95 -13.91 -24.87
N GLN D 39 -17.88 -14.61 -25.51
CA GLN D 39 -17.97 -14.58 -26.97
C GLN D 39 -19.32 -14.03 -27.39
N LYS D 40 -19.31 -12.82 -27.94
CA LYS D 40 -20.48 -12.29 -28.61
C LYS D 40 -20.53 -12.81 -30.04
N PRO D 41 -21.73 -12.92 -30.61
CA PRO D 41 -21.87 -13.49 -31.96
C PRO D 41 -21.07 -12.72 -33.00
N GLY D 42 -20.53 -13.46 -33.97
CA GLY D 42 -19.76 -12.86 -35.04
C GLY D 42 -18.45 -12.24 -34.61
N GLN D 43 -18.00 -12.49 -33.39
CA GLN D 43 -16.78 -11.90 -32.86
C GLN D 43 -15.88 -12.99 -32.32
N ALA D 44 -14.59 -12.68 -32.25
CA ALA D 44 -13.64 -13.60 -31.63
C ALA D 44 -13.86 -13.65 -30.12
N PRO D 45 -13.51 -14.76 -29.48
CA PRO D 45 -13.68 -14.85 -28.02
C PRO D 45 -12.88 -13.77 -27.30
N ARG D 46 -13.45 -13.27 -26.21
CA ARG D 46 -12.84 -12.21 -25.41
C ARG D 46 -12.49 -12.78 -24.05
N LEU D 47 -11.20 -12.77 -23.72
CA LEU D 47 -10.74 -13.30 -22.44
C LEU D 47 -11.17 -12.37 -21.30
N LEU D 48 -11.98 -12.89 -20.39
CA LEU D 48 -12.40 -12.14 -19.21
C LEU D 48 -11.45 -12.38 -18.03
N ILE D 49 -11.35 -13.63 -17.59
CA ILE D 49 -10.59 -14.00 -16.41
C ILE D 49 -9.47 -14.94 -16.83
N TYR D 50 -8.31 -14.80 -16.19
CA TYR D 50 -7.24 -15.77 -16.30
C TYR D 50 -6.67 -16.00 -14.91
N GLY D 51 -6.03 -17.16 -14.73
CA GLY D 51 -5.58 -17.53 -13.40
C GLY D 51 -6.71 -17.67 -12.40
N ALA D 52 -7.90 -18.05 -12.88
CA ALA D 52 -9.11 -18.23 -12.09
C ALA D 52 -9.70 -16.92 -11.57
N SER D 53 -8.87 -15.90 -11.34
CA SER D 53 -9.39 -14.69 -10.71
C SER D 53 -8.85 -13.38 -11.26
N SER D 54 -7.85 -13.38 -12.15
CA SER D 54 -7.31 -12.14 -12.68
C SER D 54 -8.15 -11.64 -13.85
N ARG D 55 -8.58 -10.39 -13.77
CA ARG D 55 -9.35 -9.78 -14.85
C ARG D 55 -8.41 -9.29 -15.95
N ALA D 56 -8.76 -9.57 -17.19
CA ALA D 56 -7.98 -9.08 -18.31
C ALA D 56 -8.13 -7.57 -18.45
N THR D 57 -7.34 -6.99 -19.34
CA THR D 57 -7.32 -5.55 -19.50
C THR D 57 -8.66 -5.05 -20.06
N GLY D 58 -9.26 -4.09 -19.37
CA GLY D 58 -10.52 -3.52 -19.78
C GLY D 58 -11.75 -4.22 -19.25
N ILE D 59 -11.60 -5.38 -18.62
CA ILE D 59 -12.77 -6.11 -18.11
C ILE D 59 -13.32 -5.37 -16.89
N PRO D 60 -14.61 -5.07 -16.84
CA PRO D 60 -15.17 -4.34 -15.69
C PRO D 60 -15.13 -5.17 -14.42
N ASP D 61 -15.10 -4.47 -13.29
CA ASP D 61 -15.00 -5.12 -12.00
C ASP D 61 -16.29 -5.82 -11.57
N ARG D 62 -17.35 -5.78 -12.37
CA ARG D 62 -18.52 -6.60 -12.08
C ARG D 62 -18.30 -8.06 -12.46
N PHE D 63 -17.26 -8.35 -13.24
CA PHE D 63 -16.86 -9.73 -13.53
C PHE D 63 -15.83 -10.17 -12.51
N SER D 64 -16.05 -11.33 -11.91
CA SER D 64 -15.11 -11.88 -10.94
C SER D 64 -15.05 -13.40 -11.10
N GLY D 65 -13.83 -13.93 -11.06
CA GLY D 65 -13.62 -15.36 -11.10
C GLY D 65 -13.29 -15.89 -9.71
N SER D 66 -13.69 -17.13 -9.47
CA SER D 66 -13.44 -17.77 -8.18
C SER D 66 -13.55 -19.27 -8.34
N GLY D 67 -13.01 -19.99 -7.36
CA GLY D 67 -13.08 -21.44 -7.33
C GLY D 67 -11.70 -22.07 -7.22
N SER D 68 -11.73 -23.38 -6.98
CA SER D 68 -10.52 -24.17 -6.83
C SER D 68 -10.91 -25.65 -6.87
N GLY D 69 -9.91 -26.49 -7.15
CA GLY D 69 -10.13 -27.92 -7.20
C GLY D 69 -10.89 -28.39 -8.41
N THR D 70 -12.20 -28.56 -8.27
CA THR D 70 -13.06 -28.98 -9.37
C THR D 70 -14.20 -28.03 -9.67
N ASP D 71 -14.54 -27.12 -8.76
CA ASP D 71 -15.64 -26.18 -8.94
C ASP D 71 -15.08 -24.77 -9.08
N PHE D 72 -15.49 -24.08 -10.15
CA PHE D 72 -15.08 -22.71 -10.40
C PHE D 72 -16.31 -21.88 -10.76
N THR D 73 -16.23 -20.58 -10.50
CA THR D 73 -17.38 -19.70 -10.66
C THR D 73 -16.99 -18.40 -11.34
N LEU D 74 -17.79 -18.01 -12.34
CA LEU D 74 -17.75 -16.68 -12.92
C LEU D 74 -19.00 -15.94 -12.48
N THR D 75 -18.80 -14.82 -11.77
CA THR D 75 -19.90 -14.07 -11.18
C THR D 75 -19.99 -12.69 -11.81
N ILE D 76 -21.18 -12.34 -12.28
CA ILE D 76 -21.47 -11.01 -12.79
C ILE D 76 -22.40 -10.33 -11.78
N SER D 77 -21.87 -9.33 -11.07
CA SER D 77 -22.60 -8.74 -9.95
C SER D 77 -23.94 -8.16 -10.39
N ARG D 78 -23.90 -7.15 -11.27
CA ARG D 78 -25.12 -6.54 -11.81
C ARG D 78 -25.05 -6.60 -13.33
N LEU D 79 -25.94 -7.39 -13.94
CA LEU D 79 -25.92 -7.58 -15.37
C LEU D 79 -26.23 -6.29 -16.11
N GLU D 80 -25.33 -5.89 -16.98
CA GLU D 80 -25.66 -4.88 -17.97
C GLU D 80 -26.25 -5.53 -19.20
N PRO D 81 -27.05 -4.80 -19.98
CA PRO D 81 -27.59 -5.39 -21.21
C PRO D 81 -26.53 -5.82 -22.21
N GLU D 82 -25.30 -5.28 -22.09
CA GLU D 82 -24.20 -5.73 -22.94
C GLU D 82 -23.57 -7.03 -22.47
N ASP D 83 -23.82 -7.43 -21.22
CA ASP D 83 -23.18 -8.60 -20.65
C ASP D 83 -23.77 -9.92 -21.17
N PHE D 84 -24.52 -9.89 -22.26
CA PHE D 84 -25.06 -11.11 -22.85
C PHE D 84 -24.07 -11.68 -23.86
N ALA D 85 -23.87 -12.99 -23.80
CA ALA D 85 -22.98 -13.71 -24.71
C ALA D 85 -23.00 -15.20 -24.38
N VAL D 86 -22.11 -15.96 -25.00
CA VAL D 86 -21.84 -17.34 -24.61
C VAL D 86 -20.51 -17.35 -23.88
N TYR D 87 -20.51 -17.76 -22.63
CA TYR D 87 -19.32 -17.74 -21.79
C TYR D 87 -18.73 -19.15 -21.68
N TYR D 88 -17.44 -19.26 -21.95
CA TYR D 88 -16.72 -20.53 -21.86
C TYR D 88 -15.67 -20.45 -20.77
N CYS D 89 -15.40 -21.60 -20.14
CA CYS D 89 -14.26 -21.78 -19.25
C CYS D 89 -13.23 -22.65 -19.94
N GLN D 90 -11.96 -22.48 -19.55
CA GLN D 90 -10.87 -23.17 -20.19
C GLN D 90 -9.82 -23.60 -19.18
N GLN D 91 -9.51 -24.89 -19.16
CA GLN D 91 -8.35 -25.40 -18.45
C GLN D 91 -7.15 -25.40 -19.39
N TYR D 92 -6.05 -24.82 -18.95
CA TYR D 92 -4.82 -24.79 -19.75
C TYR D 92 -3.66 -25.11 -18.82
N GLY D 93 -2.45 -24.74 -19.23
CA GLY D 93 -1.27 -25.04 -18.45
C GLY D 93 -0.01 -24.89 -19.28
N THR D 94 1.11 -25.19 -18.62
CA THR D 94 2.41 -25.14 -19.28
C THR D 94 2.68 -26.34 -20.17
N SER D 95 1.72 -27.24 -20.33
CA SER D 95 1.81 -28.35 -21.25
C SER D 95 0.75 -28.21 -22.35
N PRO D 96 1.07 -28.59 -23.59
CA PRO D 96 0.07 -28.52 -24.66
C PRO D 96 -1.08 -29.50 -24.46
N SER D 97 -1.95 -29.18 -23.50
CA SER D 97 -3.06 -30.07 -23.15
C SER D 97 -4.16 -29.23 -22.50
N TRP D 98 -5.02 -28.65 -23.32
CA TRP D 98 -6.09 -27.77 -22.85
C TRP D 98 -7.46 -28.36 -23.24
N THR D 99 -8.47 -28.03 -22.44
CA THR D 99 -9.84 -28.42 -22.75
C THR D 99 -10.76 -27.26 -22.42
N PHE D 100 -11.78 -27.08 -23.25
CA PHE D 100 -12.77 -26.03 -23.05
C PHE D 100 -14.06 -26.61 -22.49
N GLY D 101 -14.87 -25.72 -21.90
CA GLY D 101 -16.22 -26.09 -21.55
C GLY D 101 -17.14 -25.98 -22.75
N GLN D 102 -18.38 -26.45 -22.56
CA GLN D 102 -19.35 -26.41 -23.66
C GLN D 102 -20.04 -25.06 -23.77
N GLY D 103 -19.95 -24.22 -22.75
CA GLY D 103 -20.45 -22.87 -22.84
C GLY D 103 -21.75 -22.69 -22.09
N THR D 104 -21.91 -21.50 -21.51
CA THR D 104 -23.15 -21.05 -20.91
C THR D 104 -23.62 -19.80 -21.63
N LYS D 105 -24.88 -19.80 -22.07
CA LYS D 105 -25.45 -18.65 -22.75
C LYS D 105 -26.29 -17.84 -21.78
N VAL D 106 -26.03 -16.53 -21.74
CA VAL D 106 -26.76 -15.60 -20.88
C VAL D 106 -27.62 -14.73 -21.77
N GLU D 107 -28.94 -14.89 -21.65
CA GLU D 107 -29.91 -14.07 -22.37
C GLU D 107 -30.61 -13.12 -21.41
N ILE D 108 -31.09 -12.01 -21.95
CA ILE D 108 -31.74 -10.99 -21.15
C ILE D 108 -33.20 -11.35 -20.94
N LYS D 109 -33.70 -11.11 -19.73
CA LYS D 109 -35.13 -11.13 -19.46
C LYS D 109 -35.67 -9.72 -19.54
N ARG D 110 -36.86 -9.58 -20.13
CA ARG D 110 -37.38 -8.28 -20.54
C ARG D 110 -38.88 -8.44 -20.76
N THR D 111 -39.60 -7.33 -20.65
CA THR D 111 -41.04 -7.38 -20.87
C THR D 111 -41.36 -7.81 -22.30
N VAL D 112 -42.54 -8.39 -22.47
CA VAL D 112 -42.94 -8.92 -23.76
C VAL D 112 -43.11 -7.78 -24.76
N ALA D 113 -42.49 -7.91 -25.93
CA ALA D 113 -42.56 -6.90 -26.97
C ALA D 113 -43.06 -7.57 -28.25
N ALA D 114 -44.24 -7.17 -28.70
CA ALA D 114 -44.77 -7.66 -29.96
C ALA D 114 -43.91 -7.17 -31.12
N PRO D 115 -43.80 -7.95 -32.18
CA PRO D 115 -42.98 -7.54 -33.33
C PRO D 115 -43.69 -6.52 -34.20
N SER D 116 -42.90 -5.87 -35.06
CA SER D 116 -43.40 -5.05 -36.15
C SER D 116 -43.13 -5.82 -37.43
N VAL D 117 -44.19 -6.14 -38.17
CA VAL D 117 -44.10 -7.05 -39.31
C VAL D 117 -44.10 -6.25 -40.60
N PHE D 118 -43.11 -6.50 -41.46
CA PHE D 118 -42.99 -5.86 -42.76
C PHE D 118 -42.74 -6.95 -43.80
N ILE D 119 -43.45 -6.86 -44.92
CA ILE D 119 -43.29 -7.81 -46.03
C ILE D 119 -42.72 -7.06 -47.22
N PHE D 120 -41.73 -7.66 -47.88
CA PHE D 120 -41.06 -7.05 -49.02
C PHE D 120 -41.24 -7.90 -50.26
N PRO D 121 -41.88 -7.39 -51.30
CA PRO D 121 -41.99 -8.14 -52.56
C PRO D 121 -40.66 -8.20 -53.27
N PRO D 122 -40.48 -9.14 -54.20
CA PRO D 122 -39.21 -9.24 -54.92
C PRO D 122 -39.02 -8.03 -55.82
N SER D 123 -37.77 -7.55 -55.90
CA SER D 123 -37.45 -6.41 -56.73
C SER D 123 -37.54 -6.78 -58.21
N ASP D 124 -37.90 -5.78 -59.03
CA ASP D 124 -37.97 -6.01 -60.47
C ASP D 124 -36.61 -6.37 -61.04
N GLU D 125 -35.53 -5.82 -60.46
CA GLU D 125 -34.20 -6.18 -60.94
C GLU D 125 -33.87 -7.63 -60.65
N GLN D 126 -34.28 -8.14 -59.49
CA GLN D 126 -34.09 -9.56 -59.20
C GLN D 126 -34.95 -10.43 -60.10
N LEU D 127 -36.20 -10.02 -60.32
CA LEU D 127 -37.10 -10.77 -61.18
C LEU D 127 -36.58 -10.87 -62.61
N LYS D 128 -35.74 -9.91 -63.04
CA LYS D 128 -35.13 -10.01 -64.36
C LYS D 128 -34.23 -11.23 -64.48
N SER D 129 -33.65 -11.69 -63.38
CA SER D 129 -32.72 -12.79 -63.39
C SER D 129 -33.37 -14.15 -63.17
N GLY D 130 -34.70 -14.20 -63.02
CA GLY D 130 -35.40 -15.46 -62.91
C GLY D 130 -35.62 -15.99 -61.51
N THR D 131 -35.44 -15.16 -60.49
CA THR D 131 -35.64 -15.56 -59.11
C THR D 131 -36.49 -14.51 -58.41
N ALA D 132 -37.40 -14.96 -57.54
CA ALA D 132 -38.21 -14.07 -56.72
C ALA D 132 -37.97 -14.40 -55.26
N SER D 133 -37.59 -13.39 -54.48
CA SER D 133 -37.36 -13.55 -53.05
C SER D 133 -38.28 -12.60 -52.30
N VAL D 134 -39.18 -13.16 -51.49
CA VAL D 134 -40.06 -12.38 -50.64
C VAL D 134 -39.50 -12.42 -49.22
N VAL D 135 -39.41 -11.26 -48.58
CA VAL D 135 -38.77 -11.12 -47.28
C VAL D 135 -39.79 -10.63 -46.27
N CYS D 136 -39.90 -11.34 -45.16
CA CYS D 136 -40.81 -11.02 -44.05
C CYS D 136 -39.97 -10.62 -42.85
N LEU D 137 -40.12 -9.37 -42.40
CA LEU D 137 -39.28 -8.82 -41.34
C LEU D 137 -40.06 -8.77 -40.03
N LEU D 138 -39.53 -9.42 -39.00
CA LEU D 138 -40.00 -9.27 -37.63
C LEU D 138 -39.00 -8.39 -36.90
N ASN D 139 -39.47 -7.25 -36.38
CA ASN D 139 -38.58 -6.21 -35.88
C ASN D 139 -38.81 -5.98 -34.40
N ASN D 140 -37.74 -6.11 -33.61
CA ASN D 140 -37.68 -5.71 -32.22
C ASN D 140 -38.81 -6.33 -31.39
N PHE D 141 -38.71 -7.64 -31.23
CA PHE D 141 -39.67 -8.40 -30.43
C PHE D 141 -38.96 -9.11 -29.29
N TYR D 142 -39.77 -9.58 -28.33
CA TYR D 142 -39.29 -10.38 -27.21
C TYR D 142 -40.49 -11.08 -26.60
N PRO D 143 -40.37 -12.35 -26.18
CA PRO D 143 -39.18 -13.23 -26.22
C PRO D 143 -38.82 -13.69 -27.64
N ARG D 144 -37.79 -14.53 -27.76
CA ARG D 144 -37.27 -14.88 -29.08
C ARG D 144 -38.21 -15.81 -29.83
N GLU D 145 -38.97 -16.64 -29.12
CA GLU D 145 -39.84 -17.62 -29.77
C GLU D 145 -40.91 -16.90 -30.59
N ALA D 146 -40.92 -17.16 -31.89
CA ALA D 146 -41.89 -16.55 -32.80
C ALA D 146 -42.12 -17.50 -33.96
N LYS D 147 -43.34 -17.48 -34.49
CA LYS D 147 -43.76 -18.37 -35.56
C LYS D 147 -44.04 -17.58 -36.81
N VAL D 148 -43.38 -17.95 -37.91
CA VAL D 148 -43.55 -17.30 -39.21
C VAL D 148 -43.97 -18.36 -40.21
N GLN D 149 -45.12 -18.14 -40.85
CA GLN D 149 -45.67 -19.06 -41.83
C GLN D 149 -45.98 -18.32 -43.11
N TRP D 150 -45.44 -18.81 -44.23
CA TRP D 150 -45.69 -18.23 -45.54
C TRP D 150 -46.96 -18.85 -46.15
N LYS D 151 -47.93 -17.99 -46.48
CA LYS D 151 -49.18 -18.41 -47.08
C LYS D 151 -49.29 -17.78 -48.47
N VAL D 152 -49.21 -18.61 -49.51
CA VAL D 152 -49.27 -18.16 -50.89
C VAL D 152 -50.63 -18.56 -51.45
N ASP D 153 -51.47 -17.57 -51.72
CA ASP D 153 -52.87 -17.81 -52.09
C ASP D 153 -53.58 -18.67 -51.05
N ASN D 154 -53.24 -18.45 -49.77
CA ASN D 154 -53.76 -19.21 -48.64
C ASN D 154 -53.29 -20.66 -48.65
N ALA D 155 -52.09 -20.91 -49.16
CA ALA D 155 -51.49 -22.24 -49.15
C ALA D 155 -50.22 -22.19 -48.31
N LEU D 156 -50.18 -22.97 -47.24
CA LEU D 156 -49.02 -23.01 -46.37
C LEU D 156 -47.82 -23.56 -47.14
N GLN D 157 -46.79 -22.73 -47.31
CA GLN D 157 -45.56 -23.17 -47.95
C GLN D 157 -44.70 -23.96 -46.97
N SER D 158 -43.68 -24.61 -47.51
CA SER D 158 -42.68 -25.30 -46.72
C SER D 158 -41.54 -25.72 -47.63
N GLY D 159 -40.32 -25.69 -47.09
CA GLY D 159 -39.15 -26.12 -47.81
C GLY D 159 -38.54 -25.11 -48.75
N ASN D 160 -39.09 -23.89 -48.82
CA ASN D 160 -38.54 -22.86 -49.69
C ASN D 160 -38.31 -21.55 -48.94
N SER D 161 -38.21 -21.59 -47.61
CA SER D 161 -37.98 -20.41 -46.81
C SER D 161 -36.84 -20.66 -45.84
N GLN D 162 -36.22 -19.57 -45.38
CA GLN D 162 -35.13 -19.63 -44.43
C GLN D 162 -35.24 -18.44 -43.48
N GLU D 163 -34.90 -18.68 -42.21
CA GLU D 163 -35.00 -17.66 -41.18
C GLU D 163 -33.61 -17.28 -40.66
N SER D 164 -33.41 -15.99 -40.43
CA SER D 164 -32.27 -15.46 -39.70
C SER D 164 -32.78 -14.65 -38.53
N VAL D 165 -32.11 -14.74 -37.40
CA VAL D 165 -32.47 -13.99 -36.20
C VAL D 165 -31.25 -13.21 -35.76
N THR D 166 -31.39 -11.88 -35.67
CA THR D 166 -30.36 -11.10 -35.02
C THR D 166 -30.24 -11.52 -33.56
N GLU D 167 -29.09 -11.25 -32.98
CA GLU D 167 -28.89 -11.58 -31.59
C GLU D 167 -29.36 -10.41 -30.72
N GLN D 168 -29.59 -10.71 -29.44
CA GLN D 168 -30.22 -9.77 -28.52
C GLN D 168 -29.57 -8.40 -28.62
N ASP D 169 -30.40 -7.38 -28.88
CA ASP D 169 -29.88 -6.04 -29.03
C ASP D 169 -29.35 -5.52 -27.69
N SER D 170 -28.16 -4.93 -27.72
CA SER D 170 -27.50 -4.49 -26.49
C SER D 170 -28.18 -3.29 -25.84
N LYS D 171 -29.15 -2.66 -26.51
CA LYS D 171 -29.79 -1.47 -25.99
C LYS D 171 -31.22 -1.70 -25.53
N ASP D 172 -32.05 -2.41 -26.29
CA ASP D 172 -33.44 -2.65 -25.92
C ASP D 172 -33.75 -4.10 -25.63
N SER D 173 -32.77 -5.00 -25.73
CA SER D 173 -32.88 -6.41 -25.37
C SER D 173 -33.88 -7.15 -26.26
N THR D 174 -34.13 -6.68 -27.47
CA THR D 174 -35.08 -7.31 -28.37
C THR D 174 -34.36 -8.10 -29.45
N TYR D 175 -35.09 -9.03 -30.06
CA TYR D 175 -34.62 -9.80 -31.20
C TYR D 175 -35.31 -9.33 -32.47
N SER D 176 -34.70 -9.65 -33.60
CA SER D 176 -35.29 -9.38 -34.91
C SER D 176 -35.12 -10.61 -35.79
N LEU D 177 -36.13 -10.85 -36.64
CA LEU D 177 -36.15 -12.03 -37.48
C LEU D 177 -36.51 -11.64 -38.90
N SER D 178 -35.86 -12.28 -39.87
CA SER D 178 -36.18 -12.14 -41.28
C SER D 178 -36.38 -13.52 -41.88
N SER D 179 -37.53 -13.73 -42.52
CA SER D 179 -37.84 -14.98 -43.20
C SER D 179 -37.91 -14.69 -44.70
N THR D 180 -37.04 -15.35 -45.47
CA THR D 180 -36.91 -15.11 -46.90
C THR D 180 -37.50 -16.28 -47.67
N LEU D 181 -38.56 -16.02 -48.43
CA LEU D 181 -39.19 -17.00 -49.30
C LEU D 181 -38.64 -16.86 -50.70
N THR D 182 -38.02 -17.91 -51.22
CA THR D 182 -37.39 -17.89 -52.54
C THR D 182 -38.12 -18.84 -53.47
N LEU D 183 -38.67 -18.30 -54.56
CA LEU D 183 -39.29 -19.07 -55.62
C LEU D 183 -38.60 -18.77 -56.94
N SER D 184 -38.89 -19.59 -57.93
CA SER D 184 -38.54 -19.24 -59.30
C SER D 184 -39.48 -18.14 -59.80
N LYS D 185 -39.02 -17.40 -60.81
CA LYS D 185 -39.91 -16.42 -61.42
C LYS D 185 -41.12 -17.09 -62.06
N ALA D 186 -40.95 -18.33 -62.54
CA ALA D 186 -42.07 -19.07 -63.09
C ALA D 186 -43.10 -19.39 -62.03
N ASP D 187 -42.67 -19.87 -60.86
CA ASP D 187 -43.58 -20.17 -59.77
C ASP D 187 -44.12 -18.91 -59.10
N TYR D 188 -43.33 -17.84 -59.05
CA TYR D 188 -43.80 -16.60 -58.44
C TYR D 188 -44.94 -15.99 -59.25
N GLU D 189 -44.87 -16.07 -60.57
CA GLU D 189 -45.89 -15.52 -61.44
C GLU D 189 -47.09 -16.45 -61.62
N LYS D 190 -47.13 -17.58 -60.90
CA LYS D 190 -48.30 -18.44 -60.90
C LYS D 190 -49.34 -18.04 -59.86
N HIS D 191 -48.93 -17.31 -58.82
CA HIS D 191 -49.80 -17.00 -57.70
C HIS D 191 -49.95 -15.48 -57.54
N LYS D 192 -50.98 -15.08 -56.80
CA LYS D 192 -51.35 -13.68 -56.66
C LYS D 192 -51.00 -13.13 -55.29
N VAL D 193 -51.58 -13.70 -54.22
CA VAL D 193 -51.44 -13.16 -52.88
C VAL D 193 -50.25 -13.83 -52.19
N TYR D 194 -49.38 -13.00 -51.60
CA TYR D 194 -48.22 -13.47 -50.86
C TYR D 194 -48.26 -12.88 -49.46
N ALA D 195 -48.35 -13.74 -48.45
CA ALA D 195 -48.55 -13.32 -47.08
C ALA D 195 -47.69 -14.14 -46.13
N CYS D 196 -47.16 -13.49 -45.10
CA CYS D 196 -46.50 -14.18 -43.99
C CYS D 196 -47.30 -13.91 -42.72
N GLU D 197 -47.67 -14.98 -42.03
CA GLU D 197 -48.49 -14.92 -40.82
C GLU D 197 -47.59 -15.15 -39.62
N VAL D 198 -47.51 -14.14 -38.75
CA VAL D 198 -46.61 -14.16 -37.60
C VAL D 198 -47.42 -14.38 -36.34
N THR D 199 -47.01 -15.39 -35.56
CA THR D 199 -47.56 -15.64 -34.24
C THR D 199 -46.50 -15.33 -33.19
N HIS D 200 -46.91 -14.66 -32.12
CA HIS D 200 -45.98 -14.31 -31.06
C HIS D 200 -46.76 -14.06 -29.78
N GLN D 201 -46.06 -14.19 -28.64
CA GLN D 201 -46.71 -14.03 -27.35
C GLN D 201 -47.33 -12.65 -27.19
N GLY D 202 -46.65 -11.61 -27.69
CA GLY D 202 -47.15 -10.25 -27.60
C GLY D 202 -48.30 -9.91 -28.52
N LEU D 203 -48.72 -10.84 -29.37
CA LEU D 203 -49.81 -10.61 -30.30
C LEU D 203 -51.09 -11.24 -29.76
N SER D 204 -52.15 -10.44 -29.71
CA SER D 204 -53.45 -10.98 -29.30
C SER D 204 -53.95 -12.00 -30.32
N SER D 205 -53.93 -11.62 -31.59
CA SER D 205 -54.25 -12.48 -32.72
C SER D 205 -53.05 -12.55 -33.66
N PRO D 206 -52.89 -13.64 -34.39
CA PRO D 206 -51.78 -13.73 -35.36
C PRO D 206 -51.89 -12.65 -36.42
N VAL D 207 -50.77 -11.97 -36.68
CA VAL D 207 -50.73 -10.86 -37.63
C VAL D 207 -50.26 -11.37 -38.99
N THR D 208 -50.94 -10.92 -40.05
CA THR D 208 -50.64 -11.34 -41.41
C THR D 208 -50.45 -10.11 -42.29
N LYS D 209 -49.23 -9.94 -42.80
CA LYS D 209 -48.92 -8.87 -43.75
C LYS D 209 -48.79 -9.48 -45.13
N SER D 210 -49.44 -8.86 -46.12
CA SER D 210 -49.56 -9.46 -47.45
C SER D 210 -49.45 -8.41 -48.53
N PHE D 211 -49.33 -8.90 -49.77
CA PHE D 211 -49.40 -8.08 -50.97
C PHE D 211 -49.83 -8.98 -52.11
N ASN D 212 -50.50 -8.38 -53.11
CA ASN D 212 -50.89 -9.10 -54.31
C ASN D 212 -49.89 -8.79 -55.41
N ARG D 213 -49.42 -9.82 -56.10
CA ARG D 213 -48.43 -9.66 -57.15
C ARG D 213 -48.98 -8.78 -58.26
N GLY D 214 -48.35 -7.64 -58.48
CA GLY D 214 -48.76 -6.68 -59.50
C GLY D 214 -49.33 -5.39 -58.94
N GLU D 215 -49.75 -5.38 -57.68
CA GLU D 215 -50.34 -4.19 -57.11
C GLU D 215 -49.27 -3.14 -56.79
N CYS D 216 -49.71 -1.90 -56.74
CA CYS D 216 -48.83 -0.76 -56.51
C CYS D 216 -48.38 -0.70 -55.05
N GLU E 1 3.59 -5.12 -27.09
CA GLU E 1 4.40 -6.25 -26.64
C GLU E 1 4.15 -7.48 -27.52
N VAL E 2 3.37 -8.44 -26.99
CA VAL E 2 3.13 -9.70 -27.67
C VAL E 2 1.94 -9.56 -28.61
N GLN E 3 2.01 -10.24 -29.75
CA GLN E 3 0.98 -10.15 -30.77
C GLN E 3 1.07 -11.38 -31.67
N LEU E 4 -0.07 -11.96 -32.00
CA LEU E 4 -0.16 -13.12 -32.88
C LEU E 4 -0.93 -12.75 -34.14
N VAL E 5 -0.32 -12.96 -35.29
CA VAL E 5 -0.92 -12.64 -36.59
C VAL E 5 -1.07 -13.92 -37.39
N GLN E 6 -2.28 -14.21 -37.86
CA GLN E 6 -2.56 -15.41 -38.62
C GLN E 6 -2.69 -15.08 -40.10
N SER E 7 -2.73 -16.14 -40.91
CA SER E 7 -2.87 -15.99 -42.36
C SER E 7 -4.32 -15.69 -42.71
N GLY E 8 -4.54 -15.32 -43.98
CA GLY E 8 -5.86 -14.94 -44.43
C GLY E 8 -6.80 -16.12 -44.59
N ALA E 9 -8.05 -15.78 -44.88
CA ALA E 9 -9.09 -16.79 -45.04
C ALA E 9 -8.82 -17.67 -46.26
N GLU E 10 -9.23 -18.93 -46.16
CA GLU E 10 -8.96 -19.93 -47.18
C GLU E 10 -10.27 -20.56 -47.65
N VAL E 11 -10.35 -20.82 -48.95
CA VAL E 11 -11.48 -21.51 -49.55
C VAL E 11 -10.93 -22.76 -50.21
N LYS E 12 -11.11 -23.91 -49.56
CA LYS E 12 -10.60 -25.18 -50.04
C LYS E 12 -11.75 -26.11 -50.41
N LYS E 13 -11.51 -26.95 -51.40
CA LYS E 13 -12.47 -27.97 -51.79
C LYS E 13 -12.31 -29.21 -50.93
N PRO E 14 -13.31 -30.08 -50.89
CA PRO E 14 -13.17 -31.33 -50.13
C PRO E 14 -12.02 -32.18 -50.66
N GLY E 15 -11.29 -32.81 -49.74
CA GLY E 15 -10.14 -33.63 -50.08
C GLY E 15 -8.83 -32.89 -50.13
N SER E 16 -8.86 -31.56 -50.24
CA SER E 16 -7.64 -30.77 -50.29
C SER E 16 -7.09 -30.55 -48.87
N SER E 17 -5.94 -29.88 -48.80
CA SER E 17 -5.30 -29.58 -47.53
C SER E 17 -5.11 -28.07 -47.41
N VAL E 18 -5.01 -27.61 -46.16
CA VAL E 18 -4.84 -26.20 -45.86
C VAL E 18 -3.81 -26.06 -44.76
N LYS E 19 -3.00 -24.99 -44.82
CA LYS E 19 -1.97 -24.73 -43.83
C LYS E 19 -2.09 -23.28 -43.38
N VAL E 20 -2.36 -23.08 -42.09
CA VAL E 20 -2.57 -21.76 -41.50
C VAL E 20 -1.33 -21.38 -40.69
N SER E 21 -0.88 -20.15 -40.85
CA SER E 21 0.29 -19.64 -40.14
C SER E 21 -0.14 -18.80 -38.95
N CYS E 22 0.84 -18.49 -38.10
CA CYS E 22 0.59 -17.75 -36.86
C CYS E 22 1.88 -17.06 -36.42
N LYS E 23 2.17 -15.90 -37.00
CA LYS E 23 3.40 -15.18 -36.68
C LYS E 23 3.29 -14.55 -35.29
N ALA E 24 4.27 -14.86 -34.43
CA ALA E 24 4.30 -14.37 -33.07
C ALA E 24 5.43 -13.37 -32.91
N SER E 25 5.14 -12.25 -32.25
CA SER E 25 6.13 -11.24 -31.93
C SER E 25 6.13 -11.00 -30.42
N GLY E 26 7.31 -10.64 -29.90
CA GLY E 26 7.43 -10.37 -28.47
C GLY E 26 8.53 -11.14 -27.79
N GLY E 27 9.23 -11.99 -28.53
CA GLY E 27 10.36 -12.71 -28.01
C GLY E 27 10.04 -13.86 -27.07
N THR E 28 8.76 -14.06 -26.72
CA THR E 28 8.36 -15.17 -25.87
C THR E 28 7.97 -16.41 -26.65
N PHE E 29 8.42 -16.51 -27.90
CA PHE E 29 7.93 -17.57 -28.79
C PHE E 29 8.46 -18.94 -28.37
N SER E 30 9.78 -19.10 -28.30
CA SER E 30 10.38 -20.41 -28.07
C SER E 30 9.97 -20.98 -26.72
N SER E 31 9.84 -20.13 -25.71
CA SER E 31 9.49 -20.56 -24.37
C SER E 31 8.00 -20.34 -24.10
N SER E 32 7.17 -20.99 -24.91
CA SER E 32 5.73 -20.84 -24.80
C SER E 32 5.04 -22.10 -25.30
N VAL E 33 3.78 -22.25 -24.89
CA VAL E 33 2.90 -23.30 -25.41
C VAL E 33 1.96 -22.63 -26.40
N ILE E 34 2.08 -23.01 -27.67
CA ILE E 34 1.28 -22.43 -28.75
C ILE E 34 0.29 -23.50 -29.22
N SER E 35 -0.99 -23.22 -29.04
CA SER E 35 -2.05 -24.17 -29.35
C SER E 35 -2.84 -23.70 -30.56
N TRP E 36 -3.77 -24.56 -30.99
CA TRP E 36 -4.69 -24.24 -32.08
C TRP E 36 -6.10 -24.64 -31.67
N VAL E 37 -7.03 -23.69 -31.75
CA VAL E 37 -8.41 -23.89 -31.34
C VAL E 37 -9.32 -23.72 -32.55
N ARG E 38 -10.27 -24.63 -32.69
CA ARG E 38 -11.23 -24.63 -33.78
C ARG E 38 -12.62 -24.37 -33.24
N GLN E 39 -13.38 -23.52 -33.92
CA GLN E 39 -14.77 -23.23 -33.55
C GLN E 39 -15.64 -23.32 -34.80
N ALA E 40 -16.37 -24.43 -34.94
CA ALA E 40 -17.30 -24.57 -36.03
C ALA E 40 -18.44 -23.57 -35.88
N PRO E 41 -19.06 -23.14 -36.99
CA PRO E 41 -20.16 -22.18 -36.89
C PRO E 41 -21.32 -22.75 -36.09
N GLY E 42 -21.78 -21.95 -35.11
CA GLY E 42 -22.83 -22.37 -34.20
C GLY E 42 -22.36 -23.22 -33.04
N GLN E 43 -21.17 -23.80 -33.12
CA GLN E 43 -20.62 -24.63 -32.07
C GLN E 43 -19.63 -23.83 -31.23
N GLY E 44 -19.08 -24.48 -30.20
CA GLY E 44 -18.21 -23.82 -29.25
C GLY E 44 -16.74 -23.92 -29.62
N LEU E 45 -15.90 -23.53 -28.68
CA LEU E 45 -14.46 -23.56 -28.87
C LEU E 45 -13.93 -24.97 -28.57
N GLU E 46 -13.08 -25.47 -29.46
CA GLU E 46 -12.56 -26.83 -29.37
C GLU E 46 -11.05 -26.79 -29.47
N TRP E 47 -10.37 -27.34 -28.47
CA TRP E 47 -8.91 -27.38 -28.45
C TRP E 47 -8.41 -28.55 -29.28
N MET E 48 -7.68 -28.26 -30.35
CA MET E 48 -7.19 -29.28 -31.26
C MET E 48 -5.86 -29.87 -30.79
N GLY E 49 -4.92 -29.00 -30.42
CA GLY E 49 -3.60 -29.46 -30.04
C GLY E 49 -2.70 -28.27 -29.76
N GLY E 50 -1.45 -28.60 -29.43
CA GLY E 50 -0.46 -27.58 -29.15
C GLY E 50 0.94 -28.12 -29.29
N ILE E 51 1.91 -27.22 -29.18
CA ILE E 51 3.32 -27.59 -29.28
C ILE E 51 4.15 -26.53 -28.57
N ILE E 52 5.23 -26.95 -27.94
CA ILE E 52 6.21 -26.05 -27.35
C ILE E 52 7.37 -25.93 -28.33
N PRO E 53 7.60 -24.76 -28.95
CA PRO E 53 8.66 -24.66 -29.95
C PRO E 53 10.05 -25.00 -29.43
N LEU E 54 10.27 -24.97 -28.11
CA LEU E 54 11.55 -25.39 -27.57
C LEU E 54 11.74 -26.90 -27.62
N PHE E 55 10.64 -27.67 -27.60
CA PHE E 55 10.72 -29.13 -27.58
C PHE E 55 10.31 -29.77 -28.90
N GLY E 56 9.38 -29.16 -29.63
CA GLY E 56 8.98 -29.65 -30.94
C GLY E 56 8.01 -30.81 -30.93
N SER E 57 7.73 -31.40 -29.77
CA SER E 57 6.84 -32.56 -29.68
C SER E 57 5.40 -32.05 -29.61
N ALA E 58 4.67 -32.19 -30.71
CA ALA E 58 3.30 -31.72 -30.77
C ALA E 58 2.36 -32.73 -30.15
N ASN E 59 1.39 -32.25 -29.38
CA ASN E 59 0.37 -33.07 -28.75
C ASN E 59 -1.00 -32.67 -29.28
N TYR E 60 -1.80 -33.65 -29.66
CA TYR E 60 -3.10 -33.42 -30.28
C TYR E 60 -4.22 -34.00 -29.42
N ALA E 61 -5.39 -33.38 -29.50
CA ALA E 61 -6.58 -33.99 -28.96
C ALA E 61 -6.92 -35.25 -29.76
N GLN E 62 -7.70 -36.13 -29.15
CA GLN E 62 -8.03 -37.39 -29.80
C GLN E 62 -8.81 -37.16 -31.09
N LYS E 63 -9.70 -36.18 -31.11
CA LYS E 63 -10.53 -35.94 -32.28
C LYS E 63 -9.71 -35.50 -33.48
N PHE E 64 -8.57 -34.85 -33.24
CA PHE E 64 -7.74 -34.30 -34.29
C PHE E 64 -6.41 -35.03 -34.47
N GLN E 65 -6.28 -36.23 -33.90
CA GLN E 65 -4.98 -36.90 -33.86
C GLN E 65 -4.52 -37.33 -35.26
N GLY E 66 -5.45 -37.56 -36.18
CA GLY E 66 -5.09 -38.12 -37.46
C GLY E 66 -4.94 -37.13 -38.60
N ARG E 67 -5.76 -36.07 -38.60
CA ARG E 67 -5.82 -35.14 -39.72
C ARG E 67 -5.05 -33.85 -39.49
N VAL E 68 -4.46 -33.66 -38.31
CA VAL E 68 -3.88 -32.37 -37.93
C VAL E 68 -2.39 -32.54 -37.65
N THR E 69 -1.59 -31.64 -38.21
CA THR E 69 -0.15 -31.58 -37.94
C THR E 69 0.18 -30.15 -37.51
N ILE E 70 0.67 -30.01 -36.28
CA ILE E 70 0.99 -28.71 -35.71
C ILE E 70 2.51 -28.59 -35.60
N THR E 71 3.06 -27.60 -36.28
CA THR E 71 4.50 -27.37 -36.30
C THR E 71 4.79 -25.93 -35.88
N ALA E 72 6.06 -25.66 -35.61
CA ALA E 72 6.49 -24.32 -35.21
C ALA E 72 7.91 -24.09 -35.69
N ASP E 73 8.23 -22.84 -35.99
CA ASP E 73 9.52 -22.46 -36.55
C ASP E 73 10.11 -21.34 -35.71
N GLU E 74 11.14 -21.66 -34.92
CA GLU E 74 11.78 -20.67 -34.08
C GLU E 74 12.57 -19.65 -34.90
N SER E 75 13.15 -20.07 -36.02
CA SER E 75 13.92 -19.16 -36.86
C SER E 75 13.06 -18.07 -37.49
N THR E 76 11.73 -18.21 -37.45
CA THR E 76 10.85 -17.16 -37.93
C THR E 76 9.70 -16.87 -36.97
N SER E 77 9.71 -17.48 -35.78
CA SER E 77 8.68 -17.25 -34.76
C SER E 77 7.27 -17.43 -35.33
N THR E 78 7.07 -18.50 -36.10
CA THR E 78 5.81 -18.79 -36.75
C THR E 78 5.39 -20.22 -36.46
N ALA E 79 4.16 -20.38 -35.98
CA ALA E 79 3.57 -21.69 -35.78
C ALA E 79 2.62 -22.02 -36.92
N TYR E 80 2.52 -23.31 -37.24
CA TYR E 80 1.71 -23.76 -38.37
C TYR E 80 0.72 -24.82 -37.92
N MET E 81 -0.41 -24.89 -38.62
CA MET E 81 -1.44 -25.90 -38.37
C MET E 81 -1.90 -26.39 -39.74
N GLU E 82 -1.45 -27.57 -40.12
CA GLU E 82 -1.82 -28.17 -41.39
C GLU E 82 -2.86 -29.26 -41.18
N MET E 83 -3.86 -29.29 -42.06
CA MET E 83 -4.92 -30.28 -42.01
C MET E 83 -5.16 -30.80 -43.41
N THR E 84 -5.19 -32.13 -43.54
CA THR E 84 -5.39 -32.78 -44.82
C THR E 84 -6.77 -33.43 -44.86
N SER E 85 -7.14 -33.90 -46.06
CA SER E 85 -8.41 -34.58 -46.31
C SER E 85 -9.58 -33.75 -45.76
N LEU E 86 -9.59 -32.47 -46.12
CA LEU E 86 -10.59 -31.55 -45.60
C LEU E 86 -11.99 -31.97 -46.04
N ARG E 87 -12.93 -31.90 -45.10
CA ARG E 87 -14.34 -32.15 -45.37
C ARG E 87 -15.14 -30.89 -45.06
N SER E 88 -16.39 -30.88 -45.52
CA SER E 88 -17.26 -29.73 -45.28
C SER E 88 -17.48 -29.51 -43.78
N GLU E 89 -17.35 -30.56 -42.98
CA GLU E 89 -17.43 -30.41 -41.53
C GLU E 89 -16.25 -29.63 -40.97
N ASP E 90 -15.14 -29.55 -41.69
CA ASP E 90 -13.97 -28.81 -41.24
C ASP E 90 -14.10 -27.31 -41.43
N THR E 91 -15.22 -26.83 -41.97
CA THR E 91 -15.48 -25.40 -42.10
C THR E 91 -15.61 -24.80 -40.70
N ALA E 92 -14.64 -23.98 -40.32
CA ALA E 92 -14.61 -23.38 -38.99
C ALA E 92 -13.62 -22.23 -38.98
N VAL E 93 -13.61 -21.51 -37.86
CA VAL E 93 -12.63 -20.45 -37.62
C VAL E 93 -11.56 -21.00 -36.69
N TYR E 94 -10.30 -20.89 -37.12
CA TYR E 94 -9.18 -21.50 -36.42
C TYR E 94 -8.33 -20.41 -35.78
N TYR E 95 -8.29 -20.40 -34.45
CA TYR E 95 -7.48 -19.47 -33.68
C TYR E 95 -6.21 -20.15 -33.19
N CYS E 96 -5.13 -19.38 -33.11
CA CYS E 96 -3.90 -19.83 -32.47
C CYS E 96 -3.73 -19.07 -31.17
N ALA E 97 -3.61 -19.80 -30.07
CA ALA E 97 -3.46 -19.23 -28.74
C ALA E 97 -2.07 -19.53 -28.19
N LYS E 98 -1.57 -18.61 -27.37
CA LYS E 98 -0.20 -18.68 -26.86
C LYS E 98 -0.20 -18.40 -25.37
N VAL E 99 0.48 -19.27 -24.62
CA VAL E 99 0.67 -19.10 -23.19
C VAL E 99 2.17 -19.09 -22.92
N SER E 100 2.69 -17.96 -22.48
CA SER E 100 4.09 -17.87 -22.11
C SER E 100 4.31 -18.47 -20.74
N GLN E 101 5.47 -19.11 -20.56
CA GLN E 101 5.81 -19.69 -19.27
C GLN E 101 6.00 -18.64 -18.17
N TRP E 102 6.07 -17.36 -18.53
CA TRP E 102 6.29 -16.28 -17.59
C TRP E 102 5.01 -15.55 -17.22
N ALA E 103 3.86 -16.00 -17.70
CA ALA E 103 2.60 -15.34 -17.43
C ALA E 103 1.49 -16.37 -17.36
N LEU E 104 0.38 -15.98 -16.76
CA LEU E 104 -0.83 -16.78 -16.75
C LEU E 104 -1.84 -16.32 -17.80
N ILE E 105 -1.59 -15.18 -18.47
CA ILE E 105 -2.51 -14.68 -19.48
C ILE E 105 -2.33 -15.47 -20.77
N LEU E 106 -3.33 -15.38 -21.63
CA LEU E 106 -3.33 -16.05 -22.92
C LEU E 106 -3.40 -15.03 -24.05
N PHE E 107 -2.58 -15.24 -25.06
CA PHE E 107 -2.57 -14.40 -26.26
C PHE E 107 -3.20 -15.17 -27.41
N TRP E 108 -4.04 -14.49 -28.20
CA TRP E 108 -4.78 -15.12 -29.27
C TRP E 108 -4.51 -14.42 -30.60
N GLY E 109 -4.66 -15.18 -31.68
CA GLY E 109 -4.67 -14.60 -33.01
C GLY E 109 -6.06 -14.10 -33.41
N GLN E 110 -6.12 -13.35 -34.50
CA GLN E 110 -7.39 -12.79 -34.93
C GLN E 110 -8.33 -13.85 -35.50
N GLY E 111 -7.81 -14.98 -35.92
CA GLY E 111 -8.62 -16.05 -36.45
C GLY E 111 -8.49 -16.17 -37.96
N THR E 112 -8.59 -17.41 -38.44
CA THR E 112 -8.54 -17.71 -39.87
C THR E 112 -9.78 -18.51 -40.22
N LEU E 113 -10.56 -18.02 -41.17
CA LEU E 113 -11.78 -18.68 -41.61
C LEU E 113 -11.45 -19.59 -42.80
N VAL E 114 -11.64 -20.89 -42.62
CA VAL E 114 -11.43 -21.88 -43.66
C VAL E 114 -12.79 -22.45 -44.04
N THR E 115 -13.22 -22.20 -45.28
CA THR E 115 -14.50 -22.69 -45.78
C THR E 115 -14.23 -23.84 -46.74
N VAL E 116 -14.78 -25.01 -46.43
CA VAL E 116 -14.62 -26.20 -47.25
C VAL E 116 -15.92 -26.43 -48.01
N SER E 117 -15.86 -26.25 -49.32
CA SER E 117 -17.02 -26.43 -50.19
C SER E 117 -16.54 -26.40 -51.64
N SER E 118 -17.34 -27.01 -52.51
CA SER E 118 -17.09 -26.94 -53.95
C SER E 118 -17.51 -25.60 -54.54
N ALA E 119 -18.32 -24.83 -53.84
CA ALA E 119 -18.79 -23.54 -54.34
C ALA E 119 -17.61 -22.62 -54.60
N SER E 120 -17.55 -22.07 -55.81
CA SER E 120 -16.51 -21.13 -56.15
C SER E 120 -16.82 -19.76 -55.56
N THR E 121 -15.79 -18.91 -55.50
CA THR E 121 -15.97 -17.56 -54.99
C THR E 121 -16.87 -16.76 -55.94
N LYS E 122 -17.88 -16.12 -55.37
CA LYS E 122 -18.86 -15.38 -56.15
C LYS E 122 -19.27 -14.14 -55.38
N GLY E 123 -19.30 -12.99 -56.06
CA GLY E 123 -19.79 -11.77 -55.48
C GLY E 123 -21.29 -11.81 -55.34
N PRO E 124 -21.83 -11.04 -54.40
CA PRO E 124 -23.28 -11.07 -54.15
C PRO E 124 -24.03 -10.14 -55.08
N SER E 125 -25.30 -10.47 -55.27
CA SER E 125 -26.26 -9.60 -55.94
C SER E 125 -27.07 -8.87 -54.87
N VAL E 126 -27.19 -7.55 -55.02
CA VAL E 126 -27.81 -6.70 -54.01
C VAL E 126 -29.13 -6.19 -54.57
N PHE E 127 -30.23 -6.63 -53.98
CA PHE E 127 -31.55 -6.21 -54.41
C PHE E 127 -32.19 -5.32 -53.36
N PRO E 128 -32.93 -4.30 -53.77
CA PRO E 128 -33.54 -3.39 -52.79
C PRO E 128 -34.78 -4.00 -52.17
N LEU E 129 -34.93 -3.77 -50.87
CA LEU E 129 -36.16 -4.07 -50.13
C LEU E 129 -36.90 -2.75 -50.00
N ALA E 130 -37.73 -2.45 -50.99
CA ALA E 130 -38.31 -1.11 -51.10
C ALA E 130 -39.33 -0.88 -49.99
N PRO E 131 -39.30 0.29 -49.36
CA PRO E 131 -40.33 0.62 -48.37
C PRO E 131 -41.67 0.88 -49.05
N SER E 132 -42.73 0.73 -48.26
CA SER E 132 -44.10 0.85 -48.76
C SER E 132 -44.68 2.21 -48.43
N SER E 133 -45.61 2.65 -49.27
CA SER E 133 -46.29 3.93 -49.07
C SER E 133 -47.54 3.73 -48.20
N SER E 137 -45.82 1.06 -40.33
CA SER E 137 -46.18 0.47 -39.04
C SER E 137 -46.30 1.53 -37.97
N GLY E 138 -47.32 2.38 -38.09
CA GLY E 138 -47.57 3.40 -37.10
C GLY E 138 -46.75 4.67 -37.25
N GLY E 139 -46.16 4.89 -38.41
CA GLY E 139 -45.31 6.05 -38.64
C GLY E 139 -43.86 5.72 -38.94
N THR E 140 -43.44 4.48 -38.74
CA THR E 140 -42.09 4.05 -39.10
C THR E 140 -42.14 3.08 -40.27
N ALA E 141 -41.27 3.30 -41.24
CA ALA E 141 -41.17 2.47 -42.42
C ALA E 141 -39.87 1.70 -42.40
N ALA E 142 -39.91 0.46 -42.86
CA ALA E 142 -38.73 -0.40 -42.93
C ALA E 142 -38.26 -0.51 -44.37
N LEU E 143 -36.95 -0.43 -44.56
CA LEU E 143 -36.33 -0.60 -45.87
C LEU E 143 -34.99 -1.29 -45.67
N GLY E 144 -34.49 -1.89 -46.75
CA GLY E 144 -33.24 -2.62 -46.61
C GLY E 144 -32.71 -3.10 -47.94
N CYS E 145 -31.72 -3.99 -47.85
CA CYS E 145 -31.07 -4.59 -49.01
C CYS E 145 -31.00 -6.09 -48.82
N LEU E 146 -31.15 -6.82 -49.92
CA LEU E 146 -31.04 -8.28 -49.94
C LEU E 146 -29.71 -8.64 -50.60
N VAL E 147 -28.77 -9.11 -49.80
CA VAL E 147 -27.45 -9.51 -50.27
C VAL E 147 -27.51 -11.03 -50.49
N LYS E 148 -27.64 -11.45 -51.75
CA LYS E 148 -27.96 -12.83 -52.07
C LYS E 148 -26.88 -13.46 -52.94
N ASP E 149 -26.64 -14.74 -52.70
CA ASP E 149 -25.87 -15.62 -53.58
C ASP E 149 -24.39 -15.21 -53.66
N TYR E 150 -23.71 -15.28 -52.53
CA TYR E 150 -22.28 -15.03 -52.48
C TYR E 150 -21.57 -16.19 -51.80
N PHE E 151 -20.27 -16.27 -52.07
CA PHE E 151 -19.42 -17.28 -51.45
C PHE E 151 -17.98 -16.78 -51.43
N PRO E 152 -17.28 -16.93 -50.30
CA PRO E 152 -17.75 -17.45 -49.01
C PRO E 152 -18.19 -16.32 -48.09
N GLU E 153 -18.23 -16.58 -46.79
CA GLU E 153 -18.34 -15.51 -45.82
C GLU E 153 -17.02 -14.75 -45.77
N PRO E 154 -17.06 -13.48 -45.34
CA PRO E 154 -18.23 -12.68 -44.98
C PRO E 154 -18.49 -11.51 -45.91
N VAL E 155 -19.65 -10.87 -45.78
CA VAL E 155 -19.93 -9.61 -46.44
C VAL E 155 -20.15 -8.57 -45.36
N THR E 156 -19.76 -7.33 -45.66
CA THR E 156 -19.99 -6.19 -44.78
C THR E 156 -21.01 -5.27 -45.41
N VAL E 157 -21.95 -4.79 -44.59
CA VAL E 157 -23.02 -3.91 -45.07
C VAL E 157 -23.04 -2.65 -44.22
N SER E 158 -22.95 -1.50 -44.88
CA SER E 158 -23.03 -0.20 -44.23
C SER E 158 -24.06 0.65 -44.95
N TRP E 159 -24.71 1.53 -44.20
CA TRP E 159 -25.78 2.37 -44.72
C TRP E 159 -25.33 3.83 -44.77
N ASN E 160 -25.46 4.44 -45.95
CA ASN E 160 -25.04 5.82 -46.19
C ASN E 160 -23.58 6.03 -45.77
N SER E 161 -22.72 5.08 -46.15
CA SER E 161 -21.29 5.13 -45.86
C SER E 161 -21.00 5.18 -44.37
N GLY E 162 -21.90 4.59 -43.57
CA GLY E 162 -21.75 4.59 -42.13
C GLY E 162 -22.42 5.75 -41.41
N ALA E 163 -22.92 6.74 -42.15
CA ALA E 163 -23.62 7.85 -41.53
C ALA E 163 -24.95 7.44 -40.93
N LEU E 164 -25.50 6.29 -41.33
CA LEU E 164 -26.75 5.77 -40.82
C LEU E 164 -26.46 4.47 -40.09
N THR E 165 -26.43 4.53 -38.75
CA THR E 165 -26.21 3.36 -37.92
C THR E 165 -27.39 3.01 -37.03
N SER E 166 -28.25 3.97 -36.70
CA SER E 166 -29.35 3.72 -35.79
C SER E 166 -30.46 2.94 -36.48
N GLY E 167 -31.04 1.98 -35.76
CA GLY E 167 -32.14 1.20 -36.28
C GLY E 167 -31.77 0.18 -37.34
N VAL E 168 -30.49 -0.11 -37.51
CA VAL E 168 -30.03 -1.05 -38.52
C VAL E 168 -29.90 -2.44 -37.91
N HIS E 169 -30.39 -3.44 -38.64
CA HIS E 169 -30.26 -4.84 -38.26
C HIS E 169 -29.78 -5.62 -39.47
N THR E 170 -28.52 -6.05 -39.45
CA THR E 170 -27.98 -6.91 -40.50
C THR E 170 -28.06 -8.36 -40.02
N PHE E 171 -28.91 -9.14 -40.66
CA PHE E 171 -29.15 -10.51 -40.22
C PHE E 171 -27.99 -11.42 -40.58
N PRO E 172 -27.70 -12.41 -39.74
CA PRO E 172 -26.68 -13.41 -40.10
C PRO E 172 -27.09 -14.14 -41.36
N ALA E 173 -26.10 -14.43 -42.20
CA ALA E 173 -26.37 -15.08 -43.47
C ALA E 173 -26.79 -16.53 -43.27
N VAL E 174 -27.57 -17.04 -44.20
CA VAL E 174 -27.97 -18.43 -44.23
C VAL E 174 -27.33 -19.10 -45.45
N LEU E 175 -27.02 -20.38 -45.30
CA LEU E 175 -26.42 -21.15 -46.38
C LEU E 175 -27.55 -21.82 -47.15
N GLN E 176 -27.82 -21.31 -48.36
CA GLN E 176 -28.87 -21.87 -49.19
C GLN E 176 -28.45 -23.24 -49.72
N SER E 177 -29.46 -24.00 -50.19
CA SER E 177 -29.19 -25.33 -50.70
C SER E 177 -28.31 -25.31 -51.95
N SER E 178 -28.14 -24.14 -52.57
CA SER E 178 -27.26 -24.01 -53.72
C SER E 178 -25.79 -24.01 -53.35
N GLY E 179 -25.47 -23.87 -52.05
CA GLY E 179 -24.10 -23.72 -51.61
C GLY E 179 -23.66 -22.28 -51.45
N LEU E 180 -24.54 -21.32 -51.70
CA LEU E 180 -24.21 -19.90 -51.62
C LEU E 180 -24.93 -19.27 -50.45
N TYR E 181 -24.32 -18.24 -49.87
CA TYR E 181 -24.90 -17.54 -48.74
C TYR E 181 -25.87 -16.46 -49.18
N SER E 182 -26.64 -15.97 -48.22
CA SER E 182 -27.62 -14.90 -48.44
C SER E 182 -28.07 -14.27 -47.13
N LEU E 183 -28.05 -12.94 -47.03
CA LEU E 183 -28.55 -12.27 -45.84
C LEU E 183 -29.36 -11.05 -46.22
N SER E 184 -29.98 -10.44 -45.22
CA SER E 184 -30.75 -9.23 -45.41
C SER E 184 -30.30 -8.20 -44.38
N SER E 185 -30.12 -6.96 -44.83
CA SER E 185 -29.80 -5.84 -43.95
C SER E 185 -30.91 -4.81 -44.08
N VAL E 186 -31.59 -4.54 -42.97
CA VAL E 186 -32.75 -3.67 -42.96
C VAL E 186 -32.49 -2.50 -42.01
N VAL E 187 -33.23 -1.42 -42.23
CA VAL E 187 -33.21 -0.26 -41.34
C VAL E 187 -34.63 0.27 -41.21
N THR E 188 -35.01 0.65 -39.99
CA THR E 188 -36.32 1.21 -39.69
C THR E 188 -36.17 2.70 -39.45
N VAL E 189 -36.93 3.50 -40.19
CA VAL E 189 -36.82 4.95 -40.15
C VAL E 189 -38.21 5.54 -39.96
N PRO E 190 -38.31 6.81 -39.56
CA PRO E 190 -39.61 7.48 -39.59
C PRO E 190 -40.13 7.57 -41.01
N SER E 191 -41.41 7.26 -41.18
CA SER E 191 -42.00 7.22 -42.52
C SER E 191 -41.95 8.59 -43.19
N SER E 192 -42.09 9.67 -42.41
CA SER E 192 -42.12 11.01 -42.96
C SER E 192 -40.76 11.47 -43.50
N SER E 193 -39.74 10.61 -43.50
CA SER E 193 -38.43 10.96 -44.02
C SER E 193 -38.09 10.29 -45.33
N LEU E 194 -38.91 9.35 -45.80
CA LEU E 194 -38.57 8.56 -46.98
C LEU E 194 -38.38 9.42 -48.22
N GLY E 195 -39.08 10.55 -48.29
CA GLY E 195 -39.03 11.39 -49.48
C GLY E 195 -37.88 12.38 -49.50
N THR E 196 -37.31 12.67 -48.33
CA THR E 196 -36.21 13.62 -48.21
C THR E 196 -34.85 12.97 -48.04
N GLN E 197 -34.78 11.87 -47.29
CA GLN E 197 -33.52 11.21 -47.01
C GLN E 197 -33.20 10.19 -48.09
N THR E 198 -31.93 10.15 -48.51
CA THR E 198 -31.46 9.15 -49.44
C THR E 198 -30.90 7.96 -48.66
N TYR E 199 -31.36 6.76 -49.03
CA TYR E 199 -30.96 5.53 -48.35
C TYR E 199 -30.17 4.68 -49.34
N ILE E 200 -28.90 4.47 -49.04
CA ILE E 200 -27.99 3.72 -49.91
C ILE E 200 -27.24 2.71 -49.04
N CYS E 201 -27.37 1.43 -49.38
CA CYS E 201 -26.66 0.37 -48.66
C CYS E 201 -25.35 0.08 -49.39
N ASN E 202 -24.32 -0.23 -48.62
CA ASN E 202 -22.98 -0.45 -49.15
C ASN E 202 -22.55 -1.87 -48.79
N VAL E 203 -22.52 -2.75 -49.78
CA VAL E 203 -22.14 -4.15 -49.59
C VAL E 203 -20.70 -4.32 -50.08
N ASN E 204 -19.88 -4.96 -49.25
CA ASN E 204 -18.49 -5.25 -49.59
C ASN E 204 -18.23 -6.72 -49.33
N HIS E 205 -17.80 -7.44 -50.37
CA HIS E 205 -17.45 -8.86 -50.27
C HIS E 205 -15.96 -8.97 -50.62
N LYS E 206 -15.12 -8.86 -49.59
CA LYS E 206 -13.68 -8.91 -49.81
C LYS E 206 -13.18 -10.20 -50.47
N PRO E 207 -13.75 -11.38 -50.22
CA PRO E 207 -13.26 -12.57 -50.94
C PRO E 207 -13.34 -12.47 -52.46
N SER E 208 -14.32 -11.74 -53.00
CA SER E 208 -14.42 -11.54 -54.43
C SER E 208 -14.05 -10.13 -54.86
N ASN E 209 -13.66 -9.27 -53.92
CA ASN E 209 -13.36 -7.85 -54.20
C ASN E 209 -14.55 -7.17 -54.88
N THR E 210 -15.75 -7.49 -54.42
CA THR E 210 -16.97 -6.89 -54.94
C THR E 210 -17.44 -5.80 -53.99
N LYS E 211 -17.68 -4.61 -54.54
CA LYS E 211 -18.31 -3.51 -53.82
C LYS E 211 -19.56 -3.11 -54.57
N VAL E 212 -20.67 -2.94 -53.85
CA VAL E 212 -21.94 -2.56 -54.45
C VAL E 212 -22.59 -1.49 -53.59
N ASP E 213 -23.06 -0.42 -54.23
CA ASP E 213 -23.87 0.62 -53.59
C ASP E 213 -25.24 0.58 -54.25
N LYS E 214 -26.25 0.16 -53.50
CA LYS E 214 -27.61 0.01 -54.01
C LYS E 214 -28.51 1.04 -53.34
N LYS E 215 -29.10 1.92 -54.15
CA LYS E 215 -29.99 2.96 -53.65
C LYS E 215 -31.39 2.40 -53.49
N VAL E 216 -31.91 2.42 -52.27
CA VAL E 216 -33.24 1.91 -51.95
C VAL E 216 -34.20 3.09 -51.91
N GLU E 217 -35.22 3.04 -52.77
CA GLU E 217 -36.22 4.09 -52.89
C GLU E 217 -37.60 3.49 -52.72
N PRO E 218 -38.59 4.31 -52.35
CA PRO E 218 -39.96 3.80 -52.19
C PRO E 218 -40.54 3.28 -53.49
N LYS E 219 -41.60 2.50 -53.36
CA LYS E 219 -42.25 1.89 -54.50
C LYS E 219 -43.19 2.87 -55.21
C1 NAG F . 0.22 -10.77 -15.74
C2 NAG F . -0.15 -9.42 -15.11
C3 NAG F . -0.77 -8.47 -16.14
C4 NAG F . 0.10 -8.38 -17.39
C5 NAG F . 0.38 -9.78 -17.93
C6 NAG F . 1.30 -9.79 -19.13
C7 NAG F . -0.67 -9.83 -12.73
C8 NAG F . -1.75 -10.00 -11.72
N2 NAG F . -1.06 -9.61 -13.99
O3 NAG F . -0.94 -7.18 -15.57
O4 NAG F . -0.55 -7.59 -18.38
O5 NAG F . 1.03 -10.54 -16.90
O6 NAG F . 2.59 -9.28 -18.80
O7 NAG F . 0.52 -9.88 -12.43
C1 NAG F . 0.37 -6.54 -18.80
C2 NAG F . -0.16 -5.89 -20.07
C3 NAG F . 0.80 -4.79 -20.53
C4 NAG F . 1.17 -3.84 -19.38
C5 NAG F . 1.55 -4.61 -18.12
C6 NAG F . 1.72 -3.71 -16.92
C7 NAG F . -1.54 -7.45 -21.36
C8 NAG F . -1.57 -8.44 -22.49
N2 NAG F . -0.37 -6.86 -21.13
O3 NAG F . 0.22 -4.06 -21.60
O4 NAG F . 2.29 -3.08 -19.78
O5 NAG F . 0.54 -5.57 -17.78
O6 NAG F . 0.49 -3.53 -16.23
O7 NAG F . -2.53 -7.21 -20.69
C1 BMA F . 1.99 -1.67 -19.87
C2 BMA F . 3.35 -0.92 -19.73
C3 BMA F . 3.30 0.51 -20.26
C4 BMA F . 2.45 0.66 -21.54
C5 BMA F . 1.09 -0.01 -21.34
C6 BMA F . 0.16 0.12 -22.53
O2 BMA F . 4.38 -1.60 -20.42
O3 BMA F . 4.61 1.01 -20.52
O4 BMA F . 2.26 2.04 -21.83
O5 BMA F . 1.34 -1.40 -21.11
O6 BMA F . 0.49 -0.89 -23.47
C1 FUC F . 3.34 -9.08 -20.02
C2 FUC F . 4.60 -8.25 -19.68
C3 FUC F . 5.57 -9.06 -18.82
C4 FUC F . 5.92 -10.37 -19.53
C5 FUC F . 4.63 -11.13 -19.86
C6 FUC F . 4.87 -12.38 -20.69
O2 FUC F . 4.28 -7.01 -19.05
O3 FUC F . 6.78 -8.34 -18.64
O4 FUC F . 6.63 -10.10 -20.73
O5 FUC F . 3.69 -10.33 -20.59
#